data_6S2K
#
_entry.id   6S2K
#
_cell.length_a   84.399
_cell.length_b   101.310
_cell.length_c   126.842
_cell.angle_alpha   90.00
_cell.angle_beta   90.00
_cell.angle_gamma   90.00
#
_symmetry.space_group_name_H-M   'P 21 21 21'
#
loop_
_entity.id
_entity.type
_entity.pdbx_description
1 polymer 'Multiple endocrine neoplasia I, isoform CRA_b'
2 non-polymer ~{N}-[2-(4-methoxyphenyl)ethyl]-2-(4-nitrophenyl)imidazo[1,2-a]pyridin-3-amine
#
_entity_poly.entity_id   1
_entity_poly.type   'polypeptide(L)'
_entity_poly.pdbx_seq_one_letter_code
;GAMGLKAAQKTLFPLRSIDDVVRLFAAELGREEPDLVLLSLVLGFVEHFLAVNRVIPTNVPELTFQPSPAPDPPGGLTYF
PVADLSIIAALYARFTAQIRGAVDLSLYPREGGVSSRELVKKVSDVIWNSLSRSYFKDRAHIQSLFSFITGTKLDSSGVA
FAVVGACQALGLRDVHLALSEDHAWVVFGPNGEQTAEVTWHGKGNEDRRGQTVNAGVAERSWLYLKGSYMRCDRKMEVAF
MVCAINPSIDLHTDSLELLQLQQKLLWLLYDLGHLERYPMALGNLADLEELEPTPGRPDPLTLYHKGIASAKTYYRDEHI
YPYMYLAGYHCRNRNVREALQAWADTATVIQDYNYCREDEEIYKEFFEVANDVIPNLLKEAASLLEAGEERPGEQSQGTQ
SQGSALQDPECFAHLLRFYDGICKWEEGSPTPVLHVGWATFLVQSLGRFEGQVRQKVRIVSGTVAGTARGPEGGSTAQVP
APAASPPPEGPVLTFQSEKMKGMKELLVATKINSSAIKLQLTAQSQ
;
_entity_poly.pdbx_strand_id   A,B
#
# COMPACT_ATOMS: atom_id res chain seq x y z
N LEU A 5 25.85 0.90 -32.01
CA LEU A 5 24.99 -0.17 -31.37
C LEU A 5 25.74 -1.51 -31.27
N LYS A 6 25.44 -2.29 -30.22
CA LYS A 6 26.06 -3.62 -29.94
C LYS A 6 25.26 -4.71 -30.66
N ALA A 7 25.85 -5.89 -30.83
CA ALA A 7 25.22 -7.06 -31.52
C ALA A 7 23.88 -7.42 -30.84
N ALA A 8 23.86 -7.55 -29.50
CA ALA A 8 22.68 -7.98 -28.71
C ALA A 8 21.51 -7.02 -28.97
N GLN A 9 21.79 -5.73 -29.14
CA GLN A 9 20.75 -4.70 -29.43
C GLN A 9 20.23 -4.94 -30.85
N LYS A 10 21.12 -5.20 -31.80
CA LYS A 10 20.78 -5.28 -33.25
C LYS A 10 19.95 -6.53 -33.51
N THR A 11 20.24 -7.63 -32.81
CA THR A 11 19.58 -8.95 -33.00
C THR A 11 18.06 -8.83 -32.79
N LEU A 12 17.63 -7.95 -31.88
CA LEU A 12 16.22 -7.85 -31.41
C LEU A 12 15.36 -7.12 -32.45
N PHE A 13 15.97 -6.65 -33.55
CA PHE A 13 15.26 -6.00 -34.67
C PHE A 13 15.04 -7.02 -35.78
N PRO A 14 14.12 -6.77 -36.74
CA PRO A 14 13.21 -5.63 -36.70
C PRO A 14 12.09 -5.84 -35.66
N LEU A 15 11.43 -4.76 -35.21
CA LEU A 15 10.30 -4.81 -34.25
C LEU A 15 9.00 -4.79 -35.04
N ARG A 16 8.17 -5.82 -34.93
CA ARG A 16 6.99 -6.05 -35.82
C ARG A 16 5.72 -6.16 -34.97
N SER A 17 5.85 -6.15 -33.65
CA SER A 17 4.73 -6.15 -32.68
C SER A 17 5.12 -5.36 -31.43
N ILE A 18 4.16 -5.24 -30.52
CA ILE A 18 4.28 -4.47 -29.26
C ILE A 18 5.23 -5.22 -28.33
N ASP A 19 5.18 -6.56 -28.38
CA ASP A 19 5.99 -7.50 -27.54
C ASP A 19 7.47 -7.41 -27.94
N ASP A 20 7.77 -7.18 -29.22
CA ASP A 20 9.15 -6.98 -29.73
C ASP A 20 9.79 -5.78 -28.99
N VAL A 21 8.98 -4.76 -28.69
CA VAL A 21 9.41 -3.49 -28.01
C VAL A 21 9.63 -3.80 -26.52
N VAL A 22 8.80 -4.66 -25.94
CA VAL A 22 8.91 -5.10 -24.51
C VAL A 22 10.23 -5.87 -24.37
N ARG A 23 10.49 -6.81 -25.28
CA ARG A 23 11.79 -7.54 -25.38
C ARG A 23 12.93 -6.51 -25.35
N LEU A 24 12.98 -5.59 -26.33
CA LEU A 24 14.06 -4.58 -26.41
C LEU A 24 14.23 -3.94 -25.03
N PHE A 25 13.13 -3.49 -24.44
CA PHE A 25 13.14 -2.84 -23.11
C PHE A 25 13.65 -3.84 -22.07
N ALA A 26 13.09 -5.05 -22.05
CA ALA A 26 13.48 -6.14 -21.13
C ALA A 26 14.99 -6.43 -21.29
N ALA A 27 15.42 -6.72 -22.52
CA ALA A 27 16.84 -6.84 -22.89
C ALA A 27 17.59 -5.63 -22.35
N GLU A 28 17.12 -4.41 -22.61
CA GLU A 28 17.91 -3.18 -22.36
C GLU A 28 17.89 -2.82 -20.86
N LEU A 29 16.91 -3.32 -20.10
CA LEU A 29 16.70 -3.03 -18.65
C LEU A 29 17.51 -4.03 -17.81
N GLY A 30 18.01 -5.09 -18.45
CA GLY A 30 18.92 -6.09 -17.85
C GLY A 30 20.32 -5.55 -17.60
N ARG A 31 20.73 -4.49 -18.34
CA ARG A 31 22.13 -3.97 -18.42
C ARG A 31 22.33 -2.88 -17.35
N GLU A 32 23.52 -2.76 -16.76
CA GLU A 32 23.86 -1.72 -15.74
C GLU A 32 23.30 -0.38 -16.19
N GLU A 33 23.68 0.06 -17.40
CA GLU A 33 23.27 1.34 -18.06
C GLU A 33 22.36 1.00 -19.24
N PRO A 34 21.00 1.08 -19.15
CA PRO A 34 20.13 0.96 -20.32
C PRO A 34 20.27 2.13 -21.32
N ASP A 35 20.20 1.85 -22.62
CA ASP A 35 20.41 2.85 -23.70
C ASP A 35 19.15 3.71 -23.85
N LEU A 36 19.13 4.89 -23.22
CA LEU A 36 17.98 5.83 -23.20
C LEU A 36 17.74 6.38 -24.61
N VAL A 37 18.79 6.74 -25.35
CA VAL A 37 18.68 7.34 -26.72
C VAL A 37 18.06 6.30 -27.64
N LEU A 38 18.41 5.01 -27.48
CA LEU A 38 17.79 3.91 -28.29
C LEU A 38 16.31 3.77 -27.94
N LEU A 39 15.98 3.80 -26.64
CA LEU A 39 14.61 3.46 -26.16
C LEU A 39 13.65 4.64 -26.34
N SER A 40 14.11 5.91 -26.28
CA SER A 40 13.24 7.08 -26.59
C SER A 40 13.01 7.17 -28.10
N LEU A 41 13.99 6.77 -28.90
CA LEU A 41 13.87 6.79 -30.37
C LEU A 41 12.83 5.78 -30.81
N VAL A 42 12.87 4.55 -30.28
CA VAL A 42 11.96 3.45 -30.67
C VAL A 42 10.52 3.82 -30.26
N LEU A 43 10.31 4.23 -29.01
CA LEU A 43 9.03 4.80 -28.52
C LEU A 43 8.56 5.94 -29.43
N GLY A 44 9.49 6.81 -29.87
CA GLY A 44 9.17 7.99 -30.69
C GLY A 44 8.62 7.61 -32.06
N PHE A 45 9.32 6.72 -32.75
CA PHE A 45 8.91 6.14 -34.06
C PHE A 45 7.48 5.63 -33.92
N VAL A 46 7.29 4.60 -33.12
CA VAL A 46 5.99 3.87 -33.02
C VAL A 46 4.89 4.88 -32.66
N GLU A 47 5.13 5.80 -31.73
CA GLU A 47 4.10 6.79 -31.33
C GLU A 47 3.78 7.67 -32.55
N HIS A 48 4.80 8.22 -33.20
CA HIS A 48 4.64 9.06 -34.40
C HIS A 48 3.77 8.33 -35.44
N PHE A 49 3.89 7.01 -35.59
CA PHE A 49 3.23 6.26 -36.69
C PHE A 49 1.92 5.64 -36.21
N LEU A 50 1.64 5.67 -34.91
CA LEU A 50 0.39 5.10 -34.36
C LEU A 50 -0.52 6.22 -33.86
N ALA A 51 -0.08 7.49 -33.84
CA ALA A 51 -0.84 8.61 -33.22
C ALA A 51 -0.68 9.91 -33.99
N VAL A 52 0.54 10.36 -34.29
CA VAL A 52 0.80 11.62 -35.05
C VAL A 52 0.31 11.40 -36.48
N ASN A 53 0.74 10.30 -37.09
CA ASN A 53 0.46 10.00 -38.52
C ASN A 53 -0.21 8.62 -38.62
N ARG A 54 -1.44 8.51 -38.09
CA ARG A 54 -2.30 7.31 -38.24
C ARG A 54 -2.63 7.14 -39.72
N VAL A 55 -2.85 5.90 -40.14
CA VAL A 55 -2.97 5.54 -41.57
C VAL A 55 -4.38 5.02 -41.86
N ILE A 56 -5.14 4.55 -40.85
CA ILE A 56 -6.57 4.13 -40.98
C ILE A 56 -7.29 5.15 -41.89
N PRO A 67 -24.24 -3.84 -44.48
CA PRO A 67 -23.99 -4.94 -45.44
C PRO A 67 -22.94 -5.98 -44.99
N SER A 68 -23.14 -7.25 -45.38
CA SER A 68 -22.26 -8.42 -45.13
C SER A 68 -21.62 -8.84 -46.47
N PRO A 69 -20.28 -9.00 -46.57
CA PRO A 69 -19.33 -8.53 -45.56
C PRO A 69 -19.40 -6.99 -45.40
N ALA A 70 -19.20 -6.47 -44.20
CA ALA A 70 -19.01 -5.01 -43.98
C ALA A 70 -17.91 -4.52 -44.91
N PRO A 71 -17.99 -3.26 -45.39
CA PRO A 71 -17.00 -2.73 -46.34
C PRO A 71 -15.68 -2.34 -45.64
N ASP A 72 -15.77 -2.06 -44.33
CA ASP A 72 -14.63 -1.84 -43.39
C ASP A 72 -14.68 -2.88 -42.26
N PRO A 73 -13.53 -3.24 -41.64
CA PRO A 73 -13.53 -4.15 -40.50
C PRO A 73 -14.41 -3.69 -39.33
N PRO A 74 -15.57 -4.34 -39.05
CA PRO A 74 -16.61 -3.75 -38.23
C PRO A 74 -16.36 -3.72 -36.71
N GLY A 75 -15.31 -4.40 -36.25
CA GLY A 75 -14.87 -4.38 -34.84
C GLY A 75 -13.74 -3.38 -34.64
N GLY A 76 -13.33 -2.74 -35.74
CA GLY A 76 -12.17 -1.85 -35.79
C GLY A 76 -10.97 -2.57 -36.35
N LEU A 77 -9.79 -2.05 -36.07
CA LEU A 77 -8.50 -2.41 -36.69
C LEU A 77 -7.40 -1.89 -35.77
N THR A 78 -6.35 -2.66 -35.49
CA THR A 78 -5.10 -2.13 -34.86
C THR A 78 -3.90 -2.64 -35.65
N TYR A 79 -2.81 -1.88 -35.60
CA TYR A 79 -1.61 -2.11 -36.44
C TYR A 79 -0.34 -1.83 -35.63
N PHE A 80 0.78 -2.28 -36.20
CA PHE A 80 2.15 -1.94 -35.75
C PHE A 80 2.98 -1.42 -36.92
N PRO A 81 3.57 -0.21 -36.79
CA PRO A 81 4.62 0.23 -37.71
C PRO A 81 5.92 -0.54 -37.43
N VAL A 82 6.42 -1.24 -38.44
CA VAL A 82 7.71 -2.00 -38.37
C VAL A 82 8.83 -0.96 -38.25
N ALA A 83 9.48 -0.94 -37.07
CA ALA A 83 10.76 -0.27 -36.80
C ALA A 83 11.91 -1.19 -37.25
N ASP A 84 12.59 -0.81 -38.32
CA ASP A 84 13.70 -1.59 -38.95
C ASP A 84 15.02 -1.08 -38.36
N LEU A 85 15.99 -1.97 -38.10
CA LEU A 85 17.31 -1.58 -37.54
C LEU A 85 17.92 -0.48 -38.43
N SER A 86 18.12 -0.75 -39.71
CA SER A 86 18.44 0.27 -40.75
C SER A 86 17.99 1.67 -40.28
N ILE A 87 16.69 1.82 -40.04
CA ILE A 87 16.04 3.13 -39.77
C ILE A 87 16.45 3.67 -38.39
N ILE A 88 16.22 2.91 -37.33
CA ILE A 88 16.42 3.40 -35.93
C ILE A 88 17.89 3.81 -35.76
N ALA A 89 18.84 2.94 -36.13
CA ALA A 89 20.30 3.17 -36.04
C ALA A 89 20.68 4.47 -36.77
N ALA A 90 20.10 4.72 -37.94
CA ALA A 90 20.24 6.01 -38.66
C ALA A 90 20.08 7.16 -37.68
N LEU A 91 18.98 7.15 -36.90
CA LEU A 91 18.60 8.24 -35.96
C LEU A 91 19.54 8.24 -34.76
N TYR A 92 19.85 7.06 -34.24
CA TYR A 92 20.77 6.85 -33.10
C TYR A 92 22.15 7.42 -33.46
N ALA A 93 22.60 7.15 -34.69
CA ALA A 93 23.89 7.64 -35.25
C ALA A 93 23.81 9.16 -35.49
N ARG A 94 22.66 9.65 -35.93
CA ARG A 94 22.42 11.10 -36.09
C ARG A 94 22.64 11.76 -34.74
N PHE A 95 21.86 11.36 -33.73
CA PHE A 95 21.82 12.00 -32.39
C PHE A 95 23.21 11.99 -31.76
N THR A 96 23.89 10.85 -31.80
CA THR A 96 25.21 10.65 -31.14
C THR A 96 26.27 11.48 -31.88
N ALA A 97 26.25 11.44 -33.22
CA ALA A 97 27.11 12.28 -34.09
C ALA A 97 26.93 13.74 -33.67
N GLN A 98 25.67 14.18 -33.56
CA GLN A 98 25.34 15.60 -33.28
C GLN A 98 26.00 16.03 -31.97
N ILE A 99 25.88 15.22 -30.92
CA ILE A 99 26.35 15.57 -29.55
C ILE A 99 27.88 15.57 -29.57
N ARG A 100 28.45 14.39 -29.80
CA ARG A 100 29.91 14.13 -29.82
C ARG A 100 30.61 15.24 -30.60
N GLY A 101 29.96 15.71 -31.68
CA GLY A 101 30.44 16.80 -32.55
C GLY A 101 30.55 18.14 -31.84
N ALA A 102 29.60 18.48 -30.97
CA ALA A 102 29.38 19.86 -30.50
C ALA A 102 29.72 20.00 -29.01
N VAL A 103 30.27 18.94 -28.42
CA VAL A 103 30.80 18.90 -27.02
C VAL A 103 32.15 18.18 -27.02
N ASP A 104 33.24 18.88 -26.72
CA ASP A 104 34.66 18.38 -26.72
C ASP A 104 35.08 18.18 -25.26
N LEU A 105 35.02 16.94 -24.75
CA LEU A 105 35.13 16.63 -23.29
C LEU A 105 36.52 17.02 -22.74
N SER A 106 37.55 17.01 -23.60
CA SER A 106 38.93 17.46 -23.29
C SER A 106 38.92 18.87 -22.66
N LEU A 107 37.93 19.71 -23.01
CA LEU A 107 37.84 21.14 -22.60
C LEU A 107 37.26 21.28 -21.18
N TYR A 108 36.58 20.26 -20.63
CA TYR A 108 35.98 20.23 -19.27
C TYR A 108 36.59 19.12 -18.43
N PRO A 109 37.56 19.43 -17.56
CA PRO A 109 38.22 18.40 -16.74
C PRO A 109 37.22 17.53 -15.95
N ARG A 110 36.98 16.29 -16.41
CA ARG A 110 36.16 15.27 -15.70
C ARG A 110 36.94 14.82 -14.46
N GLU A 111 36.44 15.15 -13.27
CA GLU A 111 37.20 15.18 -11.99
C GLU A 111 37.03 13.84 -11.24
N GLY A 112 37.27 12.72 -11.91
CA GLY A 112 37.09 11.38 -11.33
C GLY A 112 35.62 11.04 -11.14
N GLY A 113 34.92 10.71 -12.22
CA GLY A 113 33.56 10.11 -12.19
C GLY A 113 32.47 11.15 -11.98
N VAL A 114 32.83 12.44 -11.94
CA VAL A 114 31.96 13.57 -11.51
C VAL A 114 32.03 14.69 -12.56
N SER A 115 30.89 15.34 -12.86
CA SER A 115 30.72 16.33 -13.95
C SER A 115 30.64 17.76 -13.40
N SER A 116 31.16 18.72 -14.16
CA SER A 116 31.15 20.17 -13.84
C SER A 116 29.76 20.76 -14.15
N ARG A 117 29.34 21.77 -13.40
CA ARG A 117 28.17 22.61 -13.74
C ARG A 117 28.37 23.18 -15.15
N GLU A 118 29.61 23.55 -15.48
CA GLU A 118 30.02 24.11 -16.80
C GLU A 118 29.78 23.05 -17.89
N LEU A 119 30.10 21.77 -17.60
CA LEU A 119 29.89 20.65 -18.55
C LEU A 119 28.40 20.46 -18.81
N VAL A 120 27.55 20.46 -17.78
CA VAL A 120 26.07 20.22 -17.87
C VAL A 120 25.41 21.36 -18.65
N LYS A 121 25.70 22.61 -18.26
CA LYS A 121 25.16 23.84 -18.91
C LYS A 121 25.49 23.79 -20.40
N LYS A 122 26.71 23.35 -20.73
CA LYS A 122 27.15 23.17 -22.14
C LYS A 122 26.19 22.18 -22.81
N VAL A 123 26.14 20.94 -22.32
CA VAL A 123 25.36 19.88 -23.00
C VAL A 123 23.92 20.40 -23.16
N SER A 124 23.37 21.03 -22.10
CA SER A 124 22.02 21.66 -22.10
C SER A 124 21.91 22.68 -23.25
N ASP A 125 22.90 23.55 -23.42
CA ASP A 125 22.92 24.60 -24.48
C ASP A 125 22.88 23.94 -25.86
N VAL A 126 23.74 22.95 -26.09
CA VAL A 126 23.79 22.23 -27.39
C VAL A 126 22.35 21.85 -27.76
N ILE A 127 21.66 21.15 -26.84
CA ILE A 127 20.24 20.68 -26.93
C ILE A 127 19.32 21.87 -27.18
N TRP A 128 19.36 22.85 -26.29
CA TRP A 128 18.52 24.07 -26.26
C TRP A 128 18.64 24.80 -27.59
N ASN A 129 19.87 24.93 -28.07
CA ASN A 129 20.22 25.67 -29.31
C ASN A 129 19.85 24.85 -30.56
N SER A 130 19.50 23.55 -30.43
CA SER A 130 19.10 22.65 -31.54
C SER A 130 17.60 22.70 -31.83
N LEU A 131 16.80 23.16 -30.87
CA LEU A 131 15.32 23.20 -30.98
C LEU A 131 14.98 24.30 -31.99
N SER A 132 13.86 24.20 -32.67
CA SER A 132 13.38 25.21 -33.66
C SER A 132 13.18 26.56 -32.96
N ARG A 133 13.48 27.63 -33.69
CA ARG A 133 13.16 29.03 -33.31
C ARG A 133 11.72 29.11 -32.76
N SER A 134 10.73 28.56 -33.48
CA SER A 134 9.30 28.90 -33.26
C SER A 134 8.39 27.67 -33.41
N TYR A 135 7.76 27.22 -32.32
CA TYR A 135 6.75 26.13 -32.31
C TYR A 135 5.92 26.21 -31.01
N PHE A 136 4.60 26.03 -31.11
CA PHE A 136 3.71 25.95 -29.91
C PHE A 136 4.17 24.79 -29.03
N LYS A 137 4.45 25.08 -27.77
CA LYS A 137 5.19 24.17 -26.85
C LYS A 137 4.22 23.18 -26.22
N ASP A 138 2.92 23.47 -26.21
CA ASP A 138 1.85 22.67 -25.53
C ASP A 138 1.32 21.57 -26.45
N ARG A 139 1.55 21.68 -27.76
CA ARG A 139 1.52 20.60 -28.77
C ARG A 139 1.89 19.23 -28.18
N ALA A 140 1.29 18.15 -28.68
CA ALA A 140 1.49 16.75 -28.22
C ALA A 140 2.47 16.01 -29.13
N HIS A 141 2.96 14.84 -28.68
CA HIS A 141 3.86 13.92 -29.43
C HIS A 141 5.18 14.59 -29.84
N ILE A 142 5.76 15.42 -28.96
CA ILE A 142 7.11 16.04 -29.14
C ILE A 142 7.98 15.71 -27.92
N GLN A 143 7.67 14.60 -27.22
CA GLN A 143 8.31 14.23 -25.93
C GLN A 143 9.54 13.37 -26.20
N SER A 144 9.46 12.52 -27.22
CA SER A 144 10.50 11.51 -27.59
C SER A 144 11.75 12.23 -28.07
N LEU A 145 12.86 11.50 -28.19
CA LEU A 145 14.07 11.96 -28.93
C LEU A 145 13.78 11.91 -30.42
N PHE A 146 12.79 11.10 -30.85
CA PHE A 146 12.39 11.00 -32.28
C PHE A 146 11.90 12.39 -32.70
N SER A 147 11.10 13.02 -31.86
CA SER A 147 10.67 14.42 -32.11
C SER A 147 11.93 15.27 -32.30
N PHE A 148 12.84 15.23 -31.33
CA PHE A 148 14.04 16.09 -31.29
C PHE A 148 14.77 15.97 -32.62
N ILE A 149 14.98 14.75 -33.13
CA ILE A 149 15.91 14.47 -34.26
C ILE A 149 15.23 14.71 -35.61
N THR A 150 13.99 14.28 -35.80
CA THR A 150 13.32 14.28 -37.13
C THR A 150 12.42 15.51 -37.26
N GLY A 151 12.21 16.24 -36.17
CA GLY A 151 11.28 17.39 -36.11
C GLY A 151 11.88 18.60 -35.39
N THR A 152 13.06 18.44 -34.77
CA THR A 152 13.79 19.53 -34.07
C THR A 152 12.77 20.28 -33.20
N LYS A 153 12.07 19.54 -32.31
CA LYS A 153 11.09 20.10 -31.30
C LYS A 153 11.01 19.18 -30.08
N LEU A 154 10.96 19.77 -28.88
CA LEU A 154 10.69 19.05 -27.60
C LEU A 154 9.78 19.91 -26.71
N ASP A 155 8.94 19.27 -25.87
CA ASP A 155 8.15 19.95 -24.80
C ASP A 155 9.06 20.15 -23.58
N SER A 156 8.61 20.95 -22.60
CA SER A 156 9.42 21.36 -21.43
C SER A 156 10.28 20.16 -20.99
N SER A 157 9.63 19.15 -20.41
CA SER A 157 10.30 17.98 -19.77
C SER A 157 11.14 17.20 -20.80
N GLY A 158 10.76 17.20 -22.08
CA GLY A 158 11.48 16.52 -23.18
C GLY A 158 12.90 17.03 -23.33
N VAL A 159 13.13 18.33 -23.07
CA VAL A 159 14.48 18.97 -23.11
C VAL A 159 15.35 18.35 -22.02
N ALA A 160 14.82 18.28 -20.80
CA ALA A 160 15.47 17.64 -19.63
C ALA A 160 15.90 16.20 -19.99
N PHE A 161 14.98 15.39 -20.51
CA PHE A 161 15.28 14.00 -20.90
C PHE A 161 16.45 14.00 -21.88
N ALA A 162 16.37 14.81 -22.92
CA ALA A 162 17.38 14.83 -24.00
C ALA A 162 18.74 15.24 -23.41
N VAL A 163 18.76 16.15 -22.42
CA VAL A 163 20.02 16.60 -21.76
C VAL A 163 20.65 15.40 -21.05
N VAL A 164 19.83 14.54 -20.46
CA VAL A 164 20.24 13.30 -19.75
C VAL A 164 20.61 12.23 -20.78
N GLY A 165 19.80 12.07 -21.83
CA GLY A 165 20.08 11.18 -22.97
C GLY A 165 21.41 11.54 -23.63
N ALA A 166 21.61 12.84 -23.88
CA ALA A 166 22.84 13.39 -24.50
C ALA A 166 24.04 13.09 -23.60
N CYS A 167 23.89 13.39 -22.30
CA CYS A 167 24.91 13.19 -21.24
C CYS A 167 25.26 11.70 -21.11
N GLN A 168 24.28 10.80 -21.26
CA GLN A 168 24.56 9.34 -21.31
C GLN A 168 25.52 9.05 -22.47
N ALA A 169 25.22 9.54 -23.67
CA ALA A 169 26.03 9.33 -24.90
C ALA A 169 27.49 9.75 -24.66
N LEU A 170 27.71 10.83 -23.91
CA LEU A 170 29.07 11.36 -23.55
C LEU A 170 29.61 10.65 -22.30
N GLY A 171 28.89 9.64 -21.78
CA GLY A 171 29.34 8.78 -20.67
C GLY A 171 29.45 9.55 -19.37
N LEU A 172 28.55 10.50 -19.11
CA LEU A 172 28.50 11.23 -17.82
C LEU A 172 27.51 10.52 -16.90
N ARG A 173 27.90 9.30 -16.47
CA ARG A 173 27.07 8.33 -15.70
C ARG A 173 26.37 9.00 -14.50
N ASP A 174 26.91 10.12 -13.99
CA ASP A 174 26.49 10.79 -12.72
C ASP A 174 25.34 11.77 -12.96
N VAL A 175 25.20 12.29 -14.18
CA VAL A 175 24.08 13.18 -14.60
C VAL A 175 22.80 12.35 -14.68
N HIS A 176 21.70 12.86 -14.15
CA HIS A 176 20.41 12.11 -14.07
C HIS A 176 19.23 13.09 -14.09
N LEU A 177 18.04 12.57 -14.41
CA LEU A 177 16.77 13.32 -14.48
C LEU A 177 16.15 13.52 -13.08
N ALA A 178 15.74 14.75 -12.79
CA ALA A 178 14.92 15.08 -11.60
C ALA A 178 13.51 15.46 -12.07
N LEU A 179 12.50 14.92 -11.39
CA LEU A 179 11.06 15.18 -11.67
C LEU A 179 10.36 15.53 -10.35
N SER A 180 9.64 16.66 -10.34
CA SER A 180 8.60 17.02 -9.36
C SER A 180 7.28 16.45 -9.88
N GLU A 181 6.16 17.09 -9.60
CA GLU A 181 4.85 16.64 -10.13
C GLU A 181 4.49 17.45 -11.39
N ASP A 182 5.26 18.48 -11.73
CA ASP A 182 4.89 19.38 -12.85
C ASP A 182 6.15 20.02 -13.44
N HIS A 183 7.31 19.39 -13.30
CA HIS A 183 8.60 19.96 -13.79
C HIS A 183 9.68 18.88 -13.87
N ALA A 184 10.72 19.16 -14.66
CA ALA A 184 11.89 18.30 -14.90
C ALA A 184 13.15 19.17 -14.99
N TRP A 185 14.23 18.69 -14.36
CA TRP A 185 15.59 19.28 -14.39
C TRP A 185 16.63 18.17 -14.24
N VAL A 186 17.86 18.48 -13.88
CA VAL A 186 18.99 17.50 -13.86
C VAL A 186 19.65 17.48 -12.47
N VAL A 187 20.23 16.33 -12.09
CA VAL A 187 21.07 16.15 -10.87
C VAL A 187 22.42 15.56 -11.29
N PHE A 188 23.52 16.09 -10.77
CA PHE A 188 24.89 15.57 -11.06
C PHE A 188 25.69 15.55 -9.76
N GLY A 189 26.98 15.22 -9.87
CA GLY A 189 27.94 15.38 -8.78
C GLY A 189 27.98 14.16 -7.89
N PRO A 190 28.67 14.26 -6.72
CA PRO A 190 28.77 13.18 -5.73
C PRO A 190 27.57 12.24 -5.57
N ASN A 191 26.50 12.69 -4.89
CA ASN A 191 25.39 11.80 -4.45
C ASN A 191 24.12 12.23 -5.18
N GLY A 192 24.29 12.80 -6.38
CA GLY A 192 23.22 13.52 -7.09
C GLY A 192 22.95 14.86 -6.42
N GLU A 193 23.90 15.31 -5.60
CA GLU A 193 23.75 16.48 -4.71
C GLU A 193 23.56 17.77 -5.53
N GLN A 194 24.19 17.90 -6.70
CA GLN A 194 24.17 19.13 -7.55
C GLN A 194 22.93 19.15 -8.45
N THR A 195 22.23 20.29 -8.44
CA THR A 195 20.95 20.51 -9.15
C THR A 195 21.21 21.56 -10.23
N ALA A 196 20.61 21.43 -11.42
CA ALA A 196 20.68 22.47 -12.49
C ALA A 196 19.38 22.47 -13.29
N GLU A 197 18.80 23.67 -13.52
CA GLU A 197 17.63 23.87 -14.42
C GLU A 197 18.14 23.82 -15.85
N VAL A 198 17.45 23.09 -16.73
CA VAL A 198 17.89 22.92 -18.13
C VAL A 198 16.74 23.25 -19.10
N THR A 199 15.57 23.66 -18.60
CA THR A 199 14.37 23.86 -19.46
C THR A 199 13.44 24.94 -18.87
N TRP A 200 12.28 25.12 -19.50
CA TRP A 200 11.29 26.21 -19.23
C TRP A 200 10.10 25.65 -18.43
N HIS A 201 9.09 26.48 -18.12
CA HIS A 201 7.83 26.11 -17.42
C HIS A 201 6.71 27.13 -17.66
N GLY A 202 5.46 26.64 -17.78
CA GLY A 202 4.23 27.43 -17.89
C GLY A 202 4.14 28.19 -19.21
N LYS A 203 3.17 29.12 -19.34
CA LYS A 203 3.16 30.19 -20.38
C LYS A 203 4.36 31.10 -20.11
N GLY A 204 5.02 31.59 -21.17
CA GLY A 204 6.37 32.20 -21.18
C GLY A 204 6.79 32.75 -19.82
N ASN A 205 7.89 32.24 -19.24
CA ASN A 205 8.32 32.58 -17.85
C ASN A 205 9.79 32.19 -17.64
N GLU A 206 10.10 30.88 -17.65
CA GLU A 206 11.29 30.25 -17.02
C GLU A 206 12.55 30.36 -17.90
N ASP A 207 13.35 31.41 -17.65
CA ASP A 207 14.75 31.55 -18.12
C ASP A 207 15.71 31.08 -17.01
N ARG A 208 15.18 30.43 -15.96
CA ARG A 208 15.94 29.93 -14.76
C ARG A 208 17.15 29.06 -15.19
N ARG A 209 17.18 28.55 -16.44
CA ARG A 209 18.24 27.67 -17.02
C ARG A 209 19.63 27.97 -16.46
N GLY A 210 20.34 26.94 -16.00
CA GLY A 210 21.72 27.03 -15.46
C GLY A 210 21.75 27.14 -13.94
N GLN A 211 20.69 27.69 -13.35
CA GLN A 211 20.60 27.98 -11.89
C GLN A 211 20.52 26.69 -11.08
N THR A 212 20.78 26.83 -9.78
CA THR A 212 20.48 25.84 -8.72
C THR A 212 18.96 25.84 -8.46
N VAL A 213 18.45 24.83 -7.76
CA VAL A 213 16.99 24.65 -7.49
C VAL A 213 16.65 25.17 -6.08
N ASN A 214 17.65 25.61 -5.31
CA ASN A 214 17.57 25.77 -3.83
C ASN A 214 16.55 26.84 -3.48
N ALA A 215 16.45 27.90 -4.28
CA ALA A 215 15.39 28.96 -4.18
C ALA A 215 13.99 28.32 -4.16
N GLY A 216 13.73 27.38 -5.07
CA GLY A 216 12.39 26.80 -5.33
C GLY A 216 12.01 25.74 -4.31
N VAL A 217 13.00 25.12 -3.70
CA VAL A 217 12.77 24.16 -2.59
C VAL A 217 12.42 24.96 -1.33
N ALA A 218 13.05 26.12 -1.10
CA ALA A 218 12.93 26.89 0.15
C ALA A 218 11.70 27.81 0.11
N GLU A 219 11.37 28.33 -1.09
CA GLU A 219 10.17 29.12 -1.45
C GLU A 219 8.90 28.39 -0.98
N ARG A 220 8.99 27.05 -0.95
CA ARG A 220 7.99 26.08 -0.43
C ARG A 220 6.93 25.87 -1.52
N SER A 221 7.32 26.03 -2.79
CA SER A 221 6.41 25.96 -3.96
C SER A 221 6.08 24.49 -4.24
N TRP A 222 4.82 24.15 -4.50
CA TRP A 222 4.39 22.78 -4.88
C TRP A 222 5.28 22.27 -6.03
N LEU A 223 5.80 23.18 -6.85
CA LEU A 223 6.49 22.79 -8.10
C LEU A 223 7.71 21.94 -7.76
N TYR A 224 8.44 22.29 -6.68
CA TYR A 224 9.72 21.66 -6.25
C TYR A 224 9.53 20.82 -4.97
N LEU A 225 8.28 20.67 -4.51
CA LEU A 225 7.84 19.61 -3.57
C LEU A 225 8.59 19.75 -2.25
N LYS A 226 8.90 20.99 -1.87
CA LYS A 226 9.72 21.29 -0.67
C LYS A 226 10.92 20.32 -0.62
N GLY A 227 11.41 19.88 -1.79
CA GLY A 227 12.66 19.11 -1.92
C GLY A 227 12.43 17.61 -2.07
N SER A 228 11.21 17.11 -1.85
CA SER A 228 10.86 15.67 -1.96
C SER A 228 10.51 15.32 -3.41
N TYR A 229 11.43 15.64 -4.33
CA TYR A 229 11.36 15.30 -5.77
C TYR A 229 12.08 13.96 -6.04
N MET A 230 11.70 13.37 -7.17
CA MET A 230 12.26 12.10 -7.70
C MET A 230 13.64 12.43 -8.31
N ARG A 231 14.68 11.68 -7.90
CA ARG A 231 16.02 11.67 -8.54
C ARG A 231 16.21 10.26 -9.10
N CYS A 232 16.30 10.15 -10.43
CA CYS A 232 16.19 8.88 -11.18
C CYS A 232 17.57 8.25 -11.37
N ASP A 233 17.72 6.97 -11.04
CA ASP A 233 18.81 6.13 -11.62
C ASP A 233 18.43 5.93 -13.09
N ARG A 234 19.34 5.43 -13.94
CA ARG A 234 19.07 5.27 -15.39
C ARG A 234 17.71 4.58 -15.62
N LYS A 235 17.37 3.56 -14.83
CA LYS A 235 16.17 2.71 -15.08
C LYS A 235 14.88 3.53 -14.84
N MET A 236 14.85 4.35 -13.80
CA MET A 236 13.71 5.27 -13.50
C MET A 236 13.53 6.25 -14.66
N GLU A 237 14.64 6.68 -15.28
CA GLU A 237 14.67 7.49 -16.54
C GLU A 237 13.92 6.73 -17.65
N VAL A 238 14.17 5.43 -17.80
CA VAL A 238 13.39 4.57 -18.74
C VAL A 238 11.90 4.64 -18.36
N ALA A 239 11.55 4.33 -17.12
CA ALA A 239 10.16 4.38 -16.63
C ALA A 239 9.48 5.68 -17.12
N PHE A 240 10.11 6.82 -16.89
CA PHE A 240 9.59 8.16 -17.28
C PHE A 240 9.20 8.14 -18.77
N MET A 241 10.21 7.98 -19.63
CA MET A 241 10.08 7.64 -21.06
C MET A 241 8.73 6.97 -21.34
N VAL A 242 8.37 5.92 -20.60
CA VAL A 242 7.17 5.09 -20.86
C VAL A 242 5.92 5.87 -20.43
N CYS A 243 5.98 6.56 -19.30
CA CYS A 243 4.87 7.43 -18.81
C CYS A 243 4.57 8.51 -19.85
N ALA A 244 5.62 9.06 -20.46
CA ALA A 244 5.58 10.19 -21.44
C ALA A 244 4.98 9.71 -22.77
N ILE A 245 4.96 8.40 -23.03
CA ILE A 245 4.22 7.82 -24.19
C ILE A 245 2.83 8.46 -24.13
N ASN A 246 2.42 9.09 -25.23
CA ASN A 246 1.14 9.84 -25.33
C ASN A 246 0.26 9.21 -26.40
N PRO A 247 -0.72 8.37 -26.00
CA PRO A 247 -1.53 7.62 -26.95
C PRO A 247 -2.63 8.39 -27.69
N SER A 248 -2.85 9.68 -27.42
CA SER A 248 -4.02 10.43 -27.97
C SER A 248 -3.77 10.73 -29.45
N ILE A 249 -4.74 10.36 -30.30
CA ILE A 249 -4.65 10.49 -31.79
C ILE A 249 -5.25 11.84 -32.18
N ASP A 250 -6.53 12.02 -31.83
CA ASP A 250 -7.22 13.32 -31.80
C ASP A 250 -7.89 13.42 -30.42
N LEU A 251 -8.81 14.37 -30.25
CA LEU A 251 -9.38 14.76 -28.93
C LEU A 251 -10.46 13.76 -28.52
N HIS A 252 -11.00 12.97 -29.46
CA HIS A 252 -12.12 11.98 -29.26
C HIS A 252 -11.55 10.57 -29.02
N THR A 253 -10.35 10.28 -29.53
CA THR A 253 -9.82 8.89 -29.69
C THR A 253 -8.39 8.77 -29.15
N ASP A 254 -8.03 7.56 -28.71
CA ASP A 254 -6.69 7.16 -28.20
C ASP A 254 -6.24 5.90 -28.95
N SER A 255 -4.93 5.74 -29.15
CA SER A 255 -4.35 4.56 -29.85
C SER A 255 -4.42 3.34 -28.93
N LEU A 256 -5.22 2.36 -29.29
CA LEU A 256 -5.44 1.16 -28.43
C LEU A 256 -4.12 0.42 -28.31
N GLU A 257 -3.19 0.74 -29.23
CA GLU A 257 -1.84 0.14 -29.39
C GLU A 257 -0.88 0.74 -28.35
N LEU A 258 -0.85 2.05 -28.27
CA LEU A 258 0.06 2.81 -27.37
C LEU A 258 -0.40 2.65 -25.90
N LEU A 259 -1.68 2.35 -25.67
CA LEU A 259 -2.22 2.10 -24.31
C LEU A 259 -1.74 0.73 -23.86
N GLN A 260 -1.88 -0.26 -24.73
CA GLN A 260 -1.42 -1.65 -24.49
C GLN A 260 0.10 -1.65 -24.29
N LEU A 261 0.85 -0.78 -24.98
CA LEU A 261 2.33 -0.74 -24.91
C LEU A 261 2.79 -0.12 -23.57
N GLN A 262 2.13 0.95 -23.12
CA GLN A 262 2.46 1.66 -21.85
C GLN A 262 2.23 0.68 -20.71
N GLN A 263 1.15 -0.09 -20.78
CA GLN A 263 0.76 -1.06 -19.73
C GLN A 263 1.80 -2.18 -19.64
N LYS A 264 2.15 -2.81 -20.75
CA LYS A 264 3.13 -3.93 -20.78
C LYS A 264 4.50 -3.46 -20.27
N LEU A 265 4.92 -2.24 -20.66
CA LEU A 265 6.23 -1.64 -20.29
C LEU A 265 6.19 -1.11 -18.84
N LEU A 266 5.06 -0.58 -18.36
CA LEU A 266 4.95 -0.20 -16.93
C LEU A 266 4.98 -1.45 -16.07
N TRP A 267 4.37 -2.55 -16.52
CA TRP A 267 4.35 -3.85 -15.77
C TRP A 267 5.75 -4.44 -15.68
N LEU A 268 6.51 -4.40 -16.80
CA LEU A 268 7.94 -4.81 -16.84
C LEU A 268 8.74 -4.06 -15.76
N LEU A 269 8.63 -2.72 -15.74
CA LEU A 269 9.35 -1.80 -14.81
C LEU A 269 8.82 -1.97 -13.39
N TYR A 270 7.52 -2.25 -13.23
CA TYR A 270 6.92 -2.59 -11.92
C TYR A 270 7.67 -3.80 -11.36
N ASP A 271 7.71 -4.88 -12.16
CA ASP A 271 8.28 -6.20 -11.77
C ASP A 271 9.72 -5.98 -11.27
N LEU A 272 10.55 -5.32 -12.09
CA LEU A 272 12.01 -5.12 -11.88
C LEU A 272 12.25 -4.08 -10.77
N GLY A 273 11.20 -3.70 -10.05
CA GLY A 273 11.25 -2.85 -8.84
C GLY A 273 11.50 -1.37 -9.16
N HIS A 274 11.37 -0.95 -10.43
CA HIS A 274 11.75 0.40 -10.94
C HIS A 274 10.56 1.40 -10.83
N LEU A 275 9.44 1.04 -10.19
CA LEU A 275 8.35 2.01 -9.87
C LEU A 275 8.22 2.16 -8.35
N GLU A 276 9.16 1.60 -7.58
CA GLU A 276 9.15 1.68 -6.10
C GLU A 276 9.04 3.14 -5.66
N ARG A 277 9.86 4.05 -6.23
CA ARG A 277 9.95 5.49 -5.88
C ARG A 277 9.32 6.37 -6.97
N TYR A 278 8.23 5.93 -7.62
CA TYR A 278 7.59 6.65 -8.75
C TYR A 278 6.07 6.61 -8.59
N PRO A 279 5.51 7.45 -7.69
CA PRO A 279 4.09 7.36 -7.35
C PRO A 279 3.14 7.74 -8.52
N MET A 280 3.64 8.51 -9.49
CA MET A 280 2.84 8.93 -10.66
C MET A 280 2.73 7.77 -11.63
N ALA A 281 3.87 7.17 -12.01
CA ALA A 281 3.92 5.96 -12.87
C ALA A 281 2.93 4.93 -12.32
N LEU A 282 2.98 4.69 -11.00
CA LEU A 282 2.11 3.70 -10.29
C LEU A 282 0.63 4.04 -10.51
N GLY A 283 0.28 5.33 -10.39
CA GLY A 283 -1.07 5.84 -10.70
C GLY A 283 -1.41 5.61 -12.15
N ASN A 284 -0.50 5.92 -13.07
CA ASN A 284 -0.72 5.76 -14.53
C ASN A 284 -1.15 4.31 -14.78
N LEU A 285 -0.50 3.33 -14.13
CA LEU A 285 -0.68 1.86 -14.35
C LEU A 285 -2.01 1.39 -13.78
N ALA A 286 -2.37 1.87 -12.59
CA ALA A 286 -3.71 1.69 -11.97
C ALA A 286 -4.77 2.19 -12.97
N ASP A 287 -4.50 3.31 -13.64
CA ASP A 287 -5.43 3.89 -14.63
C ASP A 287 -5.55 2.88 -15.80
N LEU A 288 -4.43 2.33 -16.28
CA LEU A 288 -4.44 1.41 -17.46
C LEU A 288 -5.15 0.10 -17.08
N GLU A 289 -4.88 -0.38 -15.87
CA GLU A 289 -5.52 -1.58 -15.29
C GLU A 289 -7.04 -1.38 -15.25
N GLU A 290 -7.51 -0.18 -14.90
CA GLU A 290 -8.97 0.15 -14.79
C GLU A 290 -9.65 -0.02 -16.16
N LEU A 291 -9.05 0.47 -17.25
CA LEU A 291 -9.52 0.29 -18.65
C LEU A 291 -9.60 -1.19 -19.03
N GLU A 292 -8.48 -1.89 -18.88
CA GLU A 292 -8.21 -3.23 -19.48
C GLU A 292 -7.40 -4.07 -18.49
N PRO A 293 -8.05 -4.63 -17.44
CA PRO A 293 -7.33 -5.47 -16.49
C PRO A 293 -6.53 -6.54 -17.24
N THR A 294 -5.23 -6.63 -16.96
CA THR A 294 -4.41 -7.79 -17.37
C THR A 294 -4.62 -8.86 -16.28
N PRO A 295 -5.15 -10.05 -16.62
CA PRO A 295 -5.41 -11.09 -15.63
C PRO A 295 -4.11 -11.51 -14.94
N GLY A 296 -4.20 -11.88 -13.66
CA GLY A 296 -3.05 -12.20 -12.79
C GLY A 296 -2.70 -11.08 -11.83
N ARG A 297 -2.84 -9.82 -12.29
CA ARG A 297 -2.17 -8.63 -11.70
C ARG A 297 -2.99 -8.01 -10.57
N PRO A 298 -2.33 -7.17 -9.72
CA PRO A 298 -3.02 -6.31 -8.76
C PRO A 298 -4.24 -5.54 -9.31
N ASP A 299 -5.31 -5.45 -8.53
CA ASP A 299 -6.51 -4.64 -8.89
C ASP A 299 -6.09 -3.18 -8.74
N PRO A 300 -6.68 -2.24 -9.52
CA PRO A 300 -6.25 -0.85 -9.52
C PRO A 300 -6.01 -0.27 -8.12
N LEU A 301 -6.94 -0.53 -7.19
CA LEU A 301 -6.98 0.13 -5.85
C LEU A 301 -5.66 -0.17 -5.14
N THR A 302 -5.22 -1.42 -5.20
CA THR A 302 -3.93 -1.90 -4.66
C THR A 302 -2.80 -0.96 -5.13
N LEU A 303 -2.72 -0.76 -6.45
CA LEU A 303 -1.73 0.08 -7.17
C LEU A 303 -1.86 1.54 -6.73
N TYR A 304 -3.10 2.05 -6.74
CA TYR A 304 -3.50 3.41 -6.26
C TYR A 304 -2.87 3.60 -4.87
N HIS A 305 -2.97 2.57 -4.02
CA HIS A 305 -2.44 2.58 -2.64
C HIS A 305 -0.92 2.37 -2.66
N LYS A 306 -0.38 1.49 -3.52
CA LYS A 306 1.11 1.32 -3.58
C LYS A 306 1.74 2.67 -3.91
N GLY A 307 1.00 3.51 -4.66
CA GLY A 307 1.35 4.91 -5.02
C GLY A 307 1.38 5.85 -3.82
N ILE A 308 0.36 5.84 -2.96
CA ILE A 308 0.36 6.65 -1.72
C ILE A 308 1.50 6.14 -0.82
N ALA A 309 1.59 4.82 -0.60
CA ALA A 309 2.69 4.20 0.17
C ALA A 309 4.01 4.85 -0.25
N SER A 310 4.32 4.76 -1.54
CA SER A 310 5.54 5.32 -2.13
C SER A 310 5.77 6.75 -1.63
N ALA A 311 4.75 7.60 -1.68
CA ALA A 311 4.86 9.05 -1.41
C ALA A 311 5.10 9.27 0.10
N LYS A 312 4.30 8.63 0.95
CA LYS A 312 4.44 8.69 2.43
C LYS A 312 5.86 8.28 2.82
N THR A 313 6.35 7.19 2.21
CA THR A 313 7.64 6.51 2.51
C THR A 313 8.83 7.36 2.01
N TYR A 314 8.97 7.55 0.69
CA TYR A 314 10.21 8.06 0.06
C TYR A 314 10.09 9.54 -0.28
N TYR A 315 8.95 10.20 -0.01
CA TYR A 315 8.74 11.64 -0.34
C TYR A 315 7.96 12.35 0.78
N ARG A 316 8.16 11.95 2.03
CA ARG A 316 7.66 12.63 3.27
C ARG A 316 6.17 12.98 3.15
N ASP A 317 5.41 12.28 2.30
CA ASP A 317 3.95 12.51 2.11
C ASP A 317 3.71 13.93 1.62
N GLU A 318 4.59 14.45 0.74
CA GLU A 318 4.56 15.85 0.21
C GLU A 318 4.10 15.88 -1.27
N HIS A 319 3.48 14.81 -1.78
CA HIS A 319 2.96 14.70 -3.17
C HIS A 319 1.43 14.84 -3.13
N ILE A 320 0.80 15.36 -4.19
CA ILE A 320 -0.67 15.58 -4.26
C ILE A 320 -1.33 14.55 -5.19
N TYR A 321 -0.66 14.11 -6.26
CA TYR A 321 -1.30 13.26 -7.32
C TYR A 321 -1.68 11.91 -6.77
N PRO A 322 -0.83 11.24 -5.99
CA PRO A 322 -1.16 9.91 -5.46
C PRO A 322 -2.61 9.88 -4.93
N TYR A 323 -2.99 10.95 -4.24
CA TYR A 323 -4.34 11.12 -3.64
C TYR A 323 -5.34 11.49 -4.75
N MET A 324 -4.98 12.38 -5.66
CA MET A 324 -5.86 12.79 -6.79
C MET A 324 -6.22 11.57 -7.64
N TYR A 325 -5.21 10.81 -8.07
CA TYR A 325 -5.31 9.47 -8.72
C TYR A 325 -6.40 8.63 -8.04
N LEU A 326 -6.36 8.52 -6.70
CA LEU A 326 -7.26 7.65 -5.89
C LEU A 326 -8.67 8.27 -5.85
N ALA A 327 -8.75 9.54 -5.46
CA ALA A 327 -10.01 10.34 -5.47
C ALA A 327 -10.81 9.98 -6.72
N GLY A 328 -10.12 9.98 -7.88
CA GLY A 328 -10.72 9.80 -9.22
C GLY A 328 -11.31 8.41 -9.40
N TYR A 329 -10.56 7.38 -9.03
CA TYR A 329 -11.04 5.99 -9.17
C TYR A 329 -12.40 5.89 -8.49
N HIS A 330 -12.48 6.33 -7.22
CA HIS A 330 -13.68 6.23 -6.34
C HIS A 330 -14.81 7.13 -6.89
N CYS A 331 -14.44 8.32 -7.39
CA CYS A 331 -15.36 9.27 -8.07
C CYS A 331 -16.04 8.55 -9.23
N ARG A 332 -15.26 8.18 -10.23
CA ARG A 332 -15.71 7.34 -11.36
C ARG A 332 -16.52 6.14 -10.86
N ASN A 333 -16.17 5.54 -9.73
CA ASN A 333 -16.87 4.35 -9.18
C ASN A 333 -18.00 4.81 -8.25
N ARG A 334 -18.48 6.06 -8.39
CA ARG A 334 -19.54 6.66 -7.53
C ARG A 334 -19.39 6.12 -6.09
N ASN A 335 -18.16 6.13 -5.54
CA ASN A 335 -17.85 5.88 -4.10
C ASN A 335 -17.63 7.22 -3.40
N VAL A 336 -18.72 7.85 -2.97
CA VAL A 336 -18.75 9.29 -2.61
C VAL A 336 -17.85 9.53 -1.39
N ARG A 337 -17.92 8.68 -0.37
CA ARG A 337 -17.14 8.84 0.90
C ARG A 337 -15.64 8.83 0.57
N GLU A 338 -15.13 7.69 0.09
CA GLU A 338 -13.67 7.43 -0.13
C GLU A 338 -13.09 8.51 -1.05
N ALA A 339 -13.90 8.95 -2.02
CA ALA A 339 -13.59 10.05 -2.94
C ALA A 339 -13.30 11.33 -2.14
N LEU A 340 -14.29 11.82 -1.38
CA LEU A 340 -14.13 13.04 -0.55
C LEU A 340 -12.99 12.83 0.46
N GLN A 341 -12.86 11.63 1.03
CA GLN A 341 -11.76 11.25 1.97
C GLN A 341 -10.40 11.49 1.32
N ALA A 342 -10.25 11.08 0.06
CA ALA A 342 -9.01 11.20 -0.73
C ALA A 342 -8.76 12.67 -0.99
N TRP A 343 -9.71 13.37 -1.59
CA TRP A 343 -9.58 14.82 -1.94
C TRP A 343 -9.29 15.61 -0.67
N ALA A 344 -9.77 15.12 0.48
CA ALA A 344 -9.44 15.67 1.81
C ALA A 344 -7.94 15.49 2.05
N ASP A 345 -7.39 14.26 1.94
CA ASP A 345 -5.94 13.96 2.14
C ASP A 345 -5.13 14.89 1.22
N THR A 346 -5.65 15.16 0.03
CA THR A 346 -5.10 16.12 -0.96
C THR A 346 -4.91 17.48 -0.32
N ALA A 347 -5.96 18.03 0.27
CA ALA A 347 -5.94 19.37 0.92
C ALA A 347 -4.90 19.36 2.05
N THR A 348 -4.93 18.31 2.90
CA THR A 348 -4.08 18.14 4.11
C THR A 348 -2.59 18.09 3.73
N VAL A 349 -2.27 17.73 2.49
CA VAL A 349 -0.86 17.70 1.98
C VAL A 349 -0.48 19.08 1.45
N ILE A 350 -1.32 19.72 0.64
CA ILE A 350 -1.07 21.08 0.03
C ILE A 350 -1.17 22.15 1.13
N GLN A 351 -1.81 21.86 2.27
CA GLN A 351 -1.98 22.92 3.31
C GLN A 351 -0.60 23.38 3.78
N ASP A 352 0.40 22.49 3.79
CA ASP A 352 1.76 22.73 4.34
C ASP A 352 2.66 23.33 3.24
N TYR A 353 2.07 23.82 2.14
CA TYR A 353 2.77 24.39 0.97
C TYR A 353 2.44 25.87 0.87
N ASN A 354 2.93 26.51 -0.19
CA ASN A 354 2.50 27.87 -0.63
C ASN A 354 2.16 27.86 -2.12
N TYR A 355 1.26 28.76 -2.53
CA TYR A 355 0.91 29.04 -3.94
C TYR A 355 1.88 30.10 -4.47
N CYS A 356 2.59 29.78 -5.56
CA CYS A 356 3.60 30.66 -6.18
C CYS A 356 3.36 30.73 -7.69
N ARG A 357 4.04 31.67 -8.35
CA ARG A 357 3.86 32.01 -9.80
C ARG A 357 3.61 30.73 -10.59
N GLU A 358 4.48 29.74 -10.49
CA GLU A 358 4.53 28.60 -11.44
C GLU A 358 3.81 27.37 -10.84
N ASP A 359 2.92 27.56 -9.88
CA ASP A 359 2.03 26.49 -9.33
C ASP A 359 0.69 26.48 -10.08
N GLU A 360 0.56 27.23 -11.19
CA GLU A 360 -0.69 27.38 -11.97
C GLU A 360 -1.36 26.01 -12.17
N GLU A 361 -0.57 24.92 -12.28
CA GLU A 361 -1.08 23.62 -12.81
C GLU A 361 -1.91 22.91 -11.73
N ILE A 362 -1.43 22.91 -10.49
CA ILE A 362 -2.11 22.16 -9.39
C ILE A 362 -3.32 22.96 -8.91
N TYR A 363 -3.27 24.30 -8.99
CA TYR A 363 -4.44 25.18 -8.74
C TYR A 363 -5.56 24.77 -9.70
N LYS A 364 -5.27 24.72 -11.00
CA LYS A 364 -6.27 24.32 -12.02
C LYS A 364 -7.01 23.09 -11.48
N GLU A 365 -6.27 22.11 -10.95
CA GLU A 365 -6.85 20.78 -10.56
C GLU A 365 -7.67 20.88 -9.26
N PHE A 366 -7.18 21.57 -8.23
CA PHE A 366 -7.94 21.80 -6.98
C PHE A 366 -9.23 22.54 -7.35
N PHE A 367 -9.10 23.59 -8.19
CA PHE A 367 -10.22 24.41 -8.71
C PHE A 367 -11.30 23.51 -9.32
N GLU A 368 -10.87 22.54 -10.13
CA GLU A 368 -11.76 21.60 -10.86
C GLU A 368 -12.57 20.73 -9.91
N VAL A 369 -11.94 20.17 -8.87
CA VAL A 369 -12.65 19.24 -7.94
C VAL A 369 -13.58 20.07 -7.05
N ALA A 370 -13.12 21.23 -6.58
CA ALA A 370 -13.86 22.10 -5.62
C ALA A 370 -15.13 22.64 -6.28
N ASN A 371 -15.05 22.94 -7.58
CA ASN A 371 -16.03 23.79 -8.32
C ASN A 371 -16.68 23.05 -9.49
N ASP A 372 -16.33 21.78 -9.73
CA ASP A 372 -16.95 20.98 -10.82
C ASP A 372 -17.20 19.56 -10.31
N VAL A 373 -16.13 18.78 -10.10
CA VAL A 373 -16.24 17.32 -9.79
C VAL A 373 -17.12 17.11 -8.55
N ILE A 374 -16.75 17.69 -7.41
CA ILE A 374 -17.44 17.50 -6.10
C ILE A 374 -18.86 18.06 -6.21
N PRO A 375 -19.07 19.31 -6.68
CA PRO A 375 -20.42 19.81 -6.91
C PRO A 375 -21.31 18.88 -7.75
N ASN A 376 -20.73 18.10 -8.66
CA ASN A 376 -21.47 17.17 -9.57
C ASN A 376 -21.69 15.80 -8.94
N LEU A 377 -20.69 15.25 -8.25
CA LEU A 377 -20.82 13.98 -7.50
C LEU A 377 -21.95 14.15 -6.50
N LEU A 378 -21.85 15.21 -5.70
CA LEU A 378 -22.85 15.58 -4.66
C LEU A 378 -24.19 15.91 -5.33
N LYS A 379 -24.20 16.71 -6.40
CA LYS A 379 -25.43 16.96 -7.21
C LYS A 379 -26.07 15.60 -7.46
N GLU A 380 -25.38 14.71 -8.16
CA GLU A 380 -25.83 13.33 -8.51
C GLU A 380 -26.21 12.54 -7.25
N ALA A 381 -25.45 12.71 -6.17
CA ALA A 381 -25.65 12.02 -4.88
C ALA A 381 -27.01 12.42 -4.30
N ALA A 382 -27.22 13.73 -4.17
CA ALA A 382 -28.49 14.36 -3.74
C ALA A 382 -29.63 13.83 -4.60
N SER A 383 -29.36 13.62 -5.89
CA SER A 383 -30.37 13.22 -6.92
C SER A 383 -30.89 11.82 -6.60
N LEU A 384 -30.04 10.94 -6.07
CA LEU A 384 -30.35 9.53 -5.75
C LEU A 384 -31.06 9.41 -4.39
N LEU A 385 -30.88 10.38 -3.48
CA LEU A 385 -31.77 10.56 -2.30
C LEU A 385 -33.21 10.65 -2.81
N GLU A 386 -33.58 11.80 -3.36
CA GLU A 386 -34.92 12.06 -3.95
C GLU A 386 -35.39 10.74 -4.58
N ALA A 387 -36.34 10.06 -3.92
CA ALA A 387 -36.78 8.66 -4.16
C ALA A 387 -35.62 7.69 -3.88
N SER A 404 -27.32 9.03 0.19
CA SER A 404 -26.81 8.35 1.41
C SER A 404 -25.61 9.13 1.92
N ALA A 405 -24.54 9.20 1.12
CA ALA A 405 -23.30 9.97 1.40
C ALA A 405 -23.62 11.29 2.08
N LEU A 406 -24.73 11.93 1.68
CA LEU A 406 -25.16 13.27 2.15
C LEU A 406 -25.71 13.20 3.57
N GLN A 407 -25.95 11.99 4.11
CA GLN A 407 -26.50 11.73 5.45
C GLN A 407 -25.40 11.22 6.37
N ASP A 408 -24.32 10.73 5.78
CA ASP A 408 -23.13 10.30 6.52
C ASP A 408 -22.37 11.55 6.95
N PRO A 409 -22.30 11.89 8.25
CA PRO A 409 -21.62 13.10 8.69
C PRO A 409 -20.10 13.02 8.49
N GLU A 410 -19.57 11.84 8.17
CA GLU A 410 -18.13 11.71 7.83
C GLU A 410 -17.89 12.38 6.49
N CYS A 411 -18.62 12.00 5.44
CA CYS A 411 -18.52 12.60 4.08
C CYS A 411 -18.52 14.11 4.16
N PHE A 412 -19.32 14.67 5.07
CA PHE A 412 -19.39 16.12 5.32
C PHE A 412 -18.06 16.59 5.93
N ALA A 413 -17.54 15.86 6.91
CA ALA A 413 -16.26 16.19 7.55
C ALA A 413 -15.10 16.12 6.54
N HIS A 414 -15.18 15.27 5.51
CA HIS A 414 -14.14 15.19 4.45
C HIS A 414 -14.19 16.48 3.62
N LEU A 415 -15.39 16.96 3.33
CA LEU A 415 -15.62 18.25 2.64
C LEU A 415 -14.93 19.36 3.45
N LEU A 416 -15.22 19.46 4.75
CA LEU A 416 -14.67 20.55 5.61
C LEU A 416 -13.15 20.43 5.71
N ARG A 417 -12.61 19.21 5.80
CA ARG A 417 -11.14 18.99 5.92
C ARG A 417 -10.45 19.38 4.60
N PHE A 418 -11.22 19.36 3.51
CA PHE A 418 -10.79 19.76 2.14
C PHE A 418 -10.58 21.28 2.08
N TYR A 419 -11.65 22.05 2.28
CA TYR A 419 -11.61 23.54 2.20
C TYR A 419 -10.59 24.06 3.23
N ASP A 420 -10.53 23.45 4.43
CA ASP A 420 -9.61 23.83 5.54
C ASP A 420 -8.14 23.71 5.05
N GLY A 421 -7.81 22.59 4.40
CA GLY A 421 -6.48 22.39 3.79
C GLY A 421 -6.17 23.47 2.74
N ILE A 422 -7.17 23.85 1.93
CA ILE A 422 -7.00 24.87 0.85
C ILE A 422 -6.84 26.25 1.47
N CYS A 423 -7.60 26.55 2.52
CA CYS A 423 -7.49 27.85 3.21
C CYS A 423 -6.09 27.99 3.82
N LYS A 424 -5.54 26.91 4.37
CA LYS A 424 -4.21 26.93 5.03
C LYS A 424 -3.15 27.12 3.95
N TRP A 425 -3.20 26.33 2.89
CA TRP A 425 -2.31 26.51 1.70
C TRP A 425 -2.04 28.02 1.52
N GLU A 426 -3.12 28.73 1.17
CA GLU A 426 -3.25 30.19 0.92
C GLU A 426 -2.51 31.00 2.01
N GLU A 427 -2.82 30.79 3.29
CA GLU A 427 -2.11 31.45 4.42
C GLU A 427 -0.60 31.46 4.09
N GLY A 428 0.00 32.66 4.12
CA GLY A 428 1.46 32.87 3.92
C GLY A 428 1.86 32.94 2.46
N SER A 429 1.04 32.39 1.55
CA SER A 429 1.32 32.27 0.09
C SER A 429 1.41 33.66 -0.50
N PRO A 430 2.29 33.91 -1.50
CA PRO A 430 2.30 35.19 -2.23
C PRO A 430 1.05 35.43 -3.10
N THR A 431 0.33 34.38 -3.51
CA THR A 431 -0.69 34.41 -4.60
C THR A 431 -2.06 33.95 -4.07
N PRO A 432 -3.01 34.88 -3.79
CA PRO A 432 -4.40 34.52 -3.45
C PRO A 432 -5.04 33.39 -4.28
N VAL A 433 -5.91 32.61 -3.65
CA VAL A 433 -6.40 31.28 -4.12
C VAL A 433 -7.92 31.29 -4.28
N LEU A 434 -8.62 31.64 -3.21
CA LEU A 434 -10.10 31.57 -3.07
C LEU A 434 -10.73 32.91 -3.47
N HIS A 435 -11.74 32.89 -4.35
CA HIS A 435 -12.49 34.11 -4.74
C HIS A 435 -13.86 33.76 -5.34
N VAL A 436 -14.85 34.60 -5.01
CA VAL A 436 -16.19 34.73 -5.67
C VAL A 436 -16.65 33.35 -6.14
N GLY A 437 -15.98 32.80 -7.17
CA GLY A 437 -16.33 31.54 -7.85
C GLY A 437 -16.33 30.36 -6.90
N TRP A 438 -15.29 30.28 -6.06
CA TRP A 438 -15.11 29.20 -5.05
C TRP A 438 -16.20 29.29 -3.98
N ALA A 439 -16.57 30.51 -3.59
CA ALA A 439 -17.58 30.82 -2.55
C ALA A 439 -18.94 30.24 -2.95
N THR A 440 -19.41 30.54 -4.16
CA THR A 440 -20.75 30.07 -4.61
C THR A 440 -20.80 28.53 -4.52
N PHE A 441 -19.70 27.85 -4.86
CA PHE A 441 -19.65 26.37 -5.01
C PHE A 441 -19.48 25.69 -3.64
N LEU A 442 -18.70 26.27 -2.74
CA LEU A 442 -18.65 25.84 -1.30
C LEU A 442 -20.08 25.81 -0.78
N VAL A 443 -20.78 26.95 -0.88
CA VAL A 443 -22.16 27.12 -0.37
C VAL A 443 -23.05 26.02 -0.97
N GLN A 444 -23.05 25.82 -2.30
CA GLN A 444 -23.82 24.75 -3.01
C GLN A 444 -23.43 23.38 -2.44
N SER A 445 -22.13 23.14 -2.23
CA SER A 445 -21.61 21.88 -1.63
C SER A 445 -22.13 21.75 -0.19
N LEU A 446 -21.88 22.74 0.66
CA LEU A 446 -22.31 22.76 2.10
C LEU A 446 -23.79 22.38 2.19
N GLY A 447 -24.59 22.86 1.22
CA GLY A 447 -26.07 22.83 1.23
C GLY A 447 -26.65 21.46 0.89
N ARG A 448 -25.83 20.53 0.41
CA ARG A 448 -26.26 19.16 0.05
C ARG A 448 -26.47 18.32 1.31
N PHE A 449 -25.94 18.76 2.45
CA PHE A 449 -26.03 18.06 3.76
C PHE A 449 -27.08 18.78 4.64
N GLU A 450 -28.11 18.06 5.07
CA GLU A 450 -29.08 18.49 6.10
C GLU A 450 -28.32 19.05 7.32
N GLY A 451 -28.87 20.09 7.96
CA GLY A 451 -28.40 20.66 9.23
C GLY A 451 -28.26 19.61 10.32
N GLN A 452 -29.21 18.67 10.42
CA GLN A 452 -29.22 17.62 11.47
C GLN A 452 -27.97 16.75 11.30
N VAL A 453 -27.54 16.55 10.04
CA VAL A 453 -26.34 15.73 9.66
C VAL A 453 -25.07 16.52 10.02
N ARG A 454 -24.85 17.67 9.36
CA ARG A 454 -23.66 18.56 9.56
C ARG A 454 -23.41 18.78 11.06
N GLN A 455 -24.49 18.96 11.83
CA GLN A 455 -24.52 19.16 13.30
C GLN A 455 -23.53 18.22 13.99
N LYS A 456 -23.61 16.92 13.67
CA LYS A 456 -22.98 15.80 14.41
C LYS A 456 -21.45 15.87 14.30
N VAL A 457 -20.94 16.64 13.33
CA VAL A 457 -19.48 16.86 13.17
C VAL A 457 -19.04 17.88 14.21
N ARG A 458 -18.45 17.38 15.30
CA ARG A 458 -17.72 18.18 16.32
C ARG A 458 -16.49 18.83 15.66
N ILE A 459 -16.34 20.16 15.81
CA ILE A 459 -15.21 20.99 15.30
C ILE A 459 -14.51 21.70 16.47
N VAL A 460 -13.30 21.23 16.83
CA VAL A 460 -12.34 21.99 17.70
C VAL A 460 -11.43 22.79 16.75
N SER A 461 -10.88 23.91 17.22
CA SER A 461 -10.13 24.92 16.41
C SER A 461 -8.71 25.10 16.95
N GLY A 462 -7.91 24.02 16.98
CA GLY A 462 -6.57 23.94 17.62
C GLY A 462 -5.56 24.91 17.02
N THR A 463 -5.30 26.04 17.70
CA THR A 463 -4.42 27.14 17.23
C THR A 463 -2.96 26.90 17.71
N VAL A 464 -2.77 26.03 18.71
CA VAL A 464 -1.45 25.75 19.34
C VAL A 464 -1.60 24.56 20.30
N GLY A 490 -20.03 11.21 17.10
CA GLY A 490 -19.87 11.71 15.72
C GLY A 490 -18.43 12.16 15.44
N PRO A 491 -18.07 12.43 14.17
CA PRO A 491 -16.71 12.85 13.82
C PRO A 491 -16.19 14.07 14.60
N VAL A 492 -14.98 13.99 15.14
CA VAL A 492 -14.25 15.14 15.76
C VAL A 492 -13.17 15.59 14.75
N LEU A 493 -13.13 16.89 14.45
CA LEU A 493 -12.30 17.46 13.35
C LEU A 493 -11.62 18.73 13.84
N THR A 494 -10.31 18.85 13.58
CA THR A 494 -9.46 20.03 13.87
C THR A 494 -9.31 20.90 12.60
N PHE A 495 -9.24 22.23 12.78
CA PHE A 495 -9.07 23.23 11.70
C PHE A 495 -7.75 23.99 11.91
N GLN A 496 -6.91 24.07 10.87
CA GLN A 496 -5.61 24.81 10.88
C GLN A 496 -5.78 26.22 10.29
N SER A 497 -6.80 26.41 9.44
CA SER A 497 -6.97 27.63 8.61
C SER A 497 -7.79 28.66 9.36
N GLU A 498 -7.32 29.92 9.41
CA GLU A 498 -7.97 31.05 10.11
C GLU A 498 -9.34 31.33 9.48
N LYS A 499 -9.50 31.07 8.17
CA LYS A 499 -10.75 31.35 7.43
C LYS A 499 -11.87 30.42 7.94
N MET A 500 -11.53 29.14 8.13
CA MET A 500 -12.50 28.08 8.55
C MET A 500 -12.84 28.24 10.03
N LYS A 501 -11.84 28.37 10.90
CA LYS A 501 -12.04 28.69 12.34
C LYS A 501 -12.90 29.97 12.43
N GLY A 502 -12.87 30.82 11.40
CA GLY A 502 -13.66 32.05 11.28
C GLY A 502 -15.09 31.79 10.81
N MET A 503 -15.51 30.53 10.72
CA MET A 503 -16.93 30.15 10.48
C MET A 503 -17.21 28.81 11.17
N LYS A 504 -16.47 28.50 12.25
CA LYS A 504 -16.59 27.20 12.96
C LYS A 504 -18.07 26.91 13.21
N GLU A 505 -18.83 27.93 13.65
CA GLU A 505 -20.25 27.81 14.09
C GLU A 505 -21.21 28.29 12.99
N LEU A 506 -20.71 28.72 11.83
CA LEU A 506 -21.53 29.06 10.63
C LEU A 506 -21.73 27.81 9.77
N LEU A 507 -20.74 26.92 9.72
CA LEU A 507 -20.72 25.72 8.84
C LEU A 507 -21.65 24.63 9.38
N VAL A 508 -22.20 24.83 10.58
CA VAL A 508 -23.05 23.80 11.24
C VAL A 508 -24.43 24.41 11.59
N ALA A 509 -24.55 25.74 11.61
CA ALA A 509 -25.84 26.45 11.69
C ALA A 509 -26.87 25.72 10.80
N THR A 510 -28.10 25.54 11.29
CA THR A 510 -29.22 24.88 10.54
C THR A 510 -29.56 25.70 9.30
N LYS A 511 -29.52 27.04 9.40
CA LYS A 511 -29.66 27.98 8.25
C LYS A 511 -28.26 28.43 7.80
N ILE A 512 -27.88 28.13 6.56
CA ILE A 512 -26.55 28.51 5.98
C ILE A 512 -26.60 29.99 5.60
N ASN A 513 -25.78 30.80 6.26
CA ASN A 513 -25.66 32.27 6.06
C ASN A 513 -24.78 32.49 4.81
N SER A 514 -25.14 31.83 3.70
CA SER A 514 -24.44 31.81 2.38
C SER A 514 -23.68 33.11 2.14
N SER A 515 -24.36 34.24 2.29
CA SER A 515 -23.84 35.60 2.04
C SER A 515 -22.54 35.80 2.82
N ALA A 516 -22.59 35.62 4.15
CA ALA A 516 -21.51 35.94 5.12
C ALA A 516 -20.33 34.93 5.02
N ILE A 517 -20.60 33.71 4.55
CA ILE A 517 -19.55 32.67 4.28
C ILE A 517 -18.70 33.17 3.10
N LYS A 518 -19.36 33.52 2.00
CA LYS A 518 -18.70 34.04 0.78
C LYS A 518 -17.79 35.20 1.22
N LEU A 519 -18.26 36.03 2.16
CA LEU A 519 -17.45 37.18 2.68
C LEU A 519 -16.15 36.63 3.27
N GLN A 520 -16.24 35.82 4.33
CA GLN A 520 -15.07 35.41 5.14
C GLN A 520 -14.20 34.42 4.33
N LEU A 521 -14.71 33.76 3.29
CA LEU A 521 -13.91 32.82 2.48
C LEU A 521 -13.01 33.57 1.49
N THR A 522 -13.01 34.91 1.44
CA THR A 522 -12.35 35.65 0.32
C THR A 522 -11.75 37.00 0.71
N ALA A 523 -11.07 37.15 1.86
CA ALA A 523 -10.13 38.27 2.12
C ALA A 523 -8.95 37.79 2.96
N LEU B 5 27.72 -3.53 6.41
CA LEU B 5 26.86 -2.35 6.78
C LEU B 5 27.38 -1.07 6.12
N LYS B 6 26.48 -0.12 5.82
CA LYS B 6 26.79 1.20 5.21
C LYS B 6 27.08 2.21 6.33
N ALA B 7 27.71 3.34 5.99
CA ALA B 7 27.91 4.50 6.90
C ALA B 7 26.57 4.86 7.56
N ALA B 8 25.52 5.04 6.74
CA ALA B 8 24.17 5.54 7.13
C ALA B 8 23.56 4.72 8.26
N GLN B 9 23.77 3.41 8.24
CA GLN B 9 23.21 2.45 9.22
C GLN B 9 24.02 2.59 10.52
N LYS B 10 25.32 2.82 10.40
CA LYS B 10 26.28 2.84 11.54
C LYS B 10 26.03 4.08 12.42
N THR B 11 25.73 5.23 11.83
CA THR B 11 25.64 6.54 12.54
C THR B 11 24.46 6.54 13.51
N LEU B 12 23.51 5.62 13.34
CA LEU B 12 22.25 5.54 14.13
C LEU B 12 22.50 4.84 15.46
N PHE B 13 23.67 4.19 15.60
CA PHE B 13 24.09 3.44 16.82
C PHE B 13 24.97 4.33 17.72
N PRO B 14 25.03 4.07 19.04
CA PRO B 14 24.23 3.01 19.68
C PRO B 14 22.76 3.40 19.87
N LEU B 15 21.91 2.37 20.05
CA LEU B 15 20.51 2.52 20.49
C LEU B 15 20.48 2.41 22.01
N ARG B 16 20.01 3.46 22.70
CA ARG B 16 20.02 3.56 24.18
C ARG B 16 18.59 3.79 24.69
N SER B 17 17.60 3.82 23.78
CA SER B 17 16.17 4.04 24.09
C SER B 17 15.30 3.36 23.03
N ILE B 18 13.98 3.41 23.22
CA ILE B 18 12.97 2.83 22.31
C ILE B 18 12.89 3.72 21.06
N ASP B 19 12.99 5.05 21.24
CA ASP B 19 12.94 6.06 20.16
C ASP B 19 14.14 5.86 19.21
N ASP B 20 15.34 5.64 19.77
CA ASP B 20 16.58 5.32 19.00
C ASP B 20 16.31 4.13 18.07
N VAL B 21 15.51 3.13 18.52
CA VAL B 21 15.18 1.91 17.73
C VAL B 21 14.09 2.28 16.70
N VAL B 22 13.13 3.13 17.08
CA VAL B 22 12.07 3.58 16.14
C VAL B 22 12.78 4.29 14.99
N ARG B 23 13.73 5.18 15.30
CA ARG B 23 14.58 5.94 14.33
C ARG B 23 15.30 4.98 13.36
N LEU B 24 15.93 3.92 13.86
CA LEU B 24 16.65 2.96 12.98
C LEU B 24 15.63 2.31 12.04
N PHE B 25 14.46 1.94 12.57
CA PHE B 25 13.36 1.35 11.77
C PHE B 25 12.90 2.37 10.72
N ALA B 26 12.64 3.61 11.17
CA ALA B 26 12.21 4.75 10.32
C ALA B 26 13.21 4.88 9.16
N ALA B 27 14.47 5.17 9.47
CA ALA B 27 15.58 5.36 8.51
C ALA B 27 15.55 4.22 7.49
N GLU B 28 15.44 3.00 7.98
CA GLU B 28 15.57 1.75 7.18
C GLU B 28 14.33 1.57 6.31
N LEU B 29 13.15 2.02 6.74
CA LEU B 29 11.90 1.86 5.96
C LEU B 29 11.99 2.75 4.72
N GLY B 30 12.72 3.87 4.83
CA GLY B 30 12.90 4.85 3.74
C GLY B 30 13.70 4.30 2.56
N ARG B 31 14.32 3.12 2.70
CA ARG B 31 15.16 2.50 1.65
C ARG B 31 14.27 1.55 0.83
N GLU B 32 14.51 1.41 -0.48
CA GLU B 32 13.75 0.46 -1.33
C GLU B 32 13.90 -0.96 -0.73
N GLU B 33 15.09 -1.29 -0.18
CA GLU B 33 15.34 -2.59 0.51
C GLU B 33 15.66 -2.32 1.98
N PRO B 34 14.66 -2.21 2.87
CA PRO B 34 14.92 -2.18 4.30
C PRO B 34 15.62 -3.45 4.77
N ASP B 35 16.69 -3.34 5.55
CA ASP B 35 17.55 -4.48 5.97
C ASP B 35 16.84 -5.33 7.04
N LEU B 36 16.07 -6.32 6.57
CA LEU B 36 15.38 -7.37 7.36
C LEU B 36 16.33 -8.00 8.37
N VAL B 37 17.61 -8.23 8.02
CA VAL B 37 18.59 -8.93 8.89
C VAL B 37 18.97 -8.02 10.07
N LEU B 38 19.27 -6.75 9.79
CA LEU B 38 19.69 -5.75 10.81
C LEU B 38 18.52 -5.44 11.77
N LEU B 39 17.30 -5.25 11.24
CA LEU B 39 16.13 -4.82 12.06
C LEU B 39 15.62 -6.00 12.92
N SER B 40 15.64 -7.22 12.38
CA SER B 40 15.24 -8.47 13.10
C SER B 40 16.29 -8.81 14.15
N LEU B 41 17.57 -8.62 13.84
CA LEU B 41 18.66 -8.80 14.82
C LEU B 41 18.48 -7.82 15.98
N VAL B 42 18.13 -6.55 15.71
CA VAL B 42 18.04 -5.50 16.77
C VAL B 42 16.89 -5.85 17.72
N LEU B 43 15.71 -6.15 17.17
CA LEU B 43 14.53 -6.62 17.94
C LEU B 43 14.86 -7.86 18.78
N GLY B 44 15.48 -8.86 18.16
CA GLY B 44 15.95 -10.07 18.86
C GLY B 44 16.84 -9.75 20.06
N PHE B 45 17.78 -8.81 19.91
CA PHE B 45 18.75 -8.43 20.97
C PHE B 45 18.00 -7.82 22.15
N VAL B 46 17.18 -6.79 21.90
CA VAL B 46 16.47 -6.05 22.97
C VAL B 46 15.36 -6.97 23.52
N GLU B 47 14.63 -7.70 22.68
CA GLU B 47 13.58 -8.62 23.18
C GLU B 47 14.24 -9.64 24.11
N HIS B 48 15.55 -9.86 23.93
CA HIS B 48 16.33 -10.87 24.67
C HIS B 48 16.68 -10.35 26.06
N PHE B 49 17.13 -9.10 26.20
CA PHE B 49 17.58 -8.53 27.51
C PHE B 49 16.42 -7.78 28.18
N LEU B 50 15.26 -7.74 27.54
CA LEU B 50 14.02 -7.15 28.12
C LEU B 50 13.01 -8.22 28.54
N ALA B 51 13.09 -9.47 28.05
CA ALA B 51 12.07 -10.51 28.34
C ALA B 51 12.71 -11.89 28.57
N VAL B 52 13.68 -12.30 27.74
CA VAL B 52 14.36 -13.63 27.89
C VAL B 52 15.18 -13.61 29.19
N ASN B 53 15.89 -12.51 29.45
CA ASN B 53 16.83 -12.36 30.60
C ASN B 53 16.55 -11.01 31.27
N ARG B 54 15.47 -10.90 32.06
CA ARG B 54 15.13 -9.62 32.72
C ARG B 54 16.22 -9.26 33.75
N VAL B 55 16.11 -8.06 34.34
CA VAL B 55 17.07 -7.48 35.33
C VAL B 55 18.48 -7.87 34.92
N PRO B 69 12.10 6.41 52.81
CA PRO B 69 12.02 6.12 51.37
C PRO B 69 11.97 4.61 51.10
N ALA B 70 11.17 4.17 50.12
CA ALA B 70 11.02 2.74 49.74
C ALA B 70 12.38 2.15 49.38
N PRO B 71 12.63 0.87 49.73
CA PRO B 71 13.92 0.22 49.44
C PRO B 71 14.03 -0.07 47.93
N ASP B 72 12.89 -0.41 47.32
CA ASP B 72 12.70 -0.65 45.87
C ASP B 72 11.96 0.53 45.26
N PRO B 73 12.25 0.89 43.98
CA PRO B 73 11.42 1.86 43.26
C PRO B 73 9.94 1.51 43.34
N PRO B 74 9.09 2.38 43.93
CA PRO B 74 7.80 1.96 44.45
C PRO B 74 6.69 1.94 43.40
N GLY B 75 6.82 2.77 42.36
CA GLY B 75 5.94 2.75 41.18
C GLY B 75 6.32 1.60 40.28
N GLY B 76 7.56 1.11 40.44
CA GLY B 76 8.21 0.20 39.49
C GLY B 76 9.25 0.96 38.69
N LEU B 77 9.59 0.46 37.50
CA LEU B 77 10.84 0.75 36.75
C LEU B 77 10.70 0.28 35.29
N THR B 78 11.18 1.04 34.31
CA THR B 78 11.50 0.52 32.95
C THR B 78 13.00 0.72 32.70
N TYR B 79 13.53 0.06 31.67
CA TYR B 79 14.97 0.16 31.29
C TYR B 79 15.11 -0.16 29.81
N PHE B 80 16.35 -0.02 29.33
CA PHE B 80 16.71 -0.32 27.92
C PHE B 80 18.12 -0.86 27.82
N PRO B 81 18.29 -2.10 27.30
CA PRO B 81 19.62 -2.64 27.03
C PRO B 81 20.18 -1.82 25.87
N VAL B 82 21.36 -1.22 26.05
CA VAL B 82 22.12 -0.53 24.97
C VAL B 82 22.56 -1.58 23.93
N ALA B 83 22.05 -1.45 22.70
CA ALA B 83 22.56 -2.16 21.50
C ALA B 83 23.71 -1.35 20.92
N ASP B 84 24.96 -1.83 21.13
CA ASP B 84 26.21 -1.20 20.63
C ASP B 84 26.51 -1.73 19.21
N LEU B 85 27.05 -0.87 18.35
CA LEU B 85 27.36 -1.19 16.92
C LEU B 85 28.30 -2.40 16.88
N SER B 86 29.34 -2.40 17.71
CA SER B 86 30.27 -3.55 17.85
C SER B 86 29.47 -4.87 17.86
N ILE B 87 28.39 -4.93 18.65
CA ILE B 87 27.65 -6.18 18.99
C ILE B 87 26.74 -6.59 17.82
N ILE B 88 25.95 -5.66 17.28
CA ILE B 88 24.91 -5.94 16.23
C ILE B 88 25.59 -6.23 14.88
N ALA B 89 26.64 -5.46 14.56
CA ALA B 89 27.51 -5.58 13.37
C ALA B 89 28.17 -6.96 13.35
N ALA B 90 28.62 -7.41 14.53
CA ALA B 90 29.22 -8.75 14.70
C ALA B 90 28.22 -9.78 14.21
N LEU B 91 27.04 -9.83 14.82
CA LEU B 91 25.98 -10.83 14.52
C LEU B 91 25.62 -10.68 13.06
N TYR B 92 25.33 -9.45 12.64
CA TYR B 92 24.94 -9.10 11.26
C TYR B 92 25.93 -9.74 10.29
N ALA B 93 27.22 -9.65 10.62
CA ALA B 93 28.32 -10.21 9.81
C ALA B 93 28.25 -11.74 9.83
N ARG B 94 28.22 -12.35 11.03
CA ARG B 94 28.12 -13.82 11.24
C ARG B 94 27.04 -14.38 10.30
N PHE B 95 25.83 -13.81 10.35
CA PHE B 95 24.68 -14.24 9.52
C PHE B 95 25.03 -14.13 8.03
N THR B 96 25.25 -12.91 7.53
CA THR B 96 25.51 -12.60 6.08
C THR B 96 26.77 -13.32 5.59
N ALA B 97 27.74 -13.54 6.49
CA ALA B 97 28.95 -14.33 6.22
C ALA B 97 28.54 -15.80 6.07
N GLN B 98 27.81 -16.37 7.03
CA GLN B 98 27.45 -17.82 7.04
C GLN B 98 26.50 -18.15 5.86
N ILE B 99 25.74 -17.16 5.34
CA ILE B 99 24.80 -17.36 4.18
C ILE B 99 25.56 -17.29 2.85
N ARG B 100 26.22 -16.16 2.56
CA ARG B 100 26.99 -15.99 1.28
C ARG B 100 28.00 -17.13 1.18
N GLY B 101 28.55 -17.56 2.32
CA GLY B 101 29.52 -18.67 2.44
C GLY B 101 28.98 -20.03 2.00
N ALA B 102 27.68 -20.29 2.15
CA ALA B 102 27.04 -21.62 1.97
C ALA B 102 26.23 -21.73 0.67
N VAL B 103 26.03 -20.62 -0.08
CA VAL B 103 25.17 -20.51 -1.32
C VAL B 103 25.99 -19.88 -2.46
N ASP B 104 26.16 -20.62 -3.57
CA ASP B 104 26.98 -20.20 -4.75
C ASP B 104 26.03 -19.73 -5.86
N LEU B 105 25.86 -18.41 -6.00
CA LEU B 105 24.85 -17.81 -6.91
C LEU B 105 25.23 -18.00 -8.38
N SER B 106 26.50 -18.26 -8.68
CA SER B 106 26.98 -18.58 -10.05
C SER B 106 26.47 -19.97 -10.47
N LEU B 107 26.10 -20.84 -9.51
CA LEU B 107 25.53 -22.19 -9.78
C LEU B 107 24.00 -22.12 -9.93
N TYR B 108 23.41 -20.93 -9.76
CA TYR B 108 21.95 -20.70 -9.84
C TYR B 108 21.64 -19.51 -10.74
N PRO B 109 21.35 -19.74 -12.04
CA PRO B 109 21.14 -18.65 -12.99
C PRO B 109 19.84 -17.87 -12.70
N ARG B 110 19.94 -16.53 -12.66
CA ARG B 110 18.88 -15.57 -12.21
C ARG B 110 18.08 -15.07 -13.43
N GLU B 111 17.19 -15.92 -13.94
CA GLU B 111 16.39 -15.77 -15.20
C GLU B 111 15.69 -14.40 -15.24
N GLY B 112 16.43 -13.33 -15.54
CA GLY B 112 15.89 -11.96 -15.71
C GLY B 112 15.05 -11.49 -14.51
N GLY B 113 15.72 -11.19 -13.38
CA GLY B 113 15.08 -10.63 -12.18
C GLY B 113 14.10 -11.60 -11.53
N VAL B 114 14.35 -12.92 -11.69
CA VAL B 114 13.54 -14.03 -11.10
C VAL B 114 14.48 -15.06 -10.49
N SER B 115 14.07 -15.66 -9.37
CA SER B 115 14.82 -16.70 -8.63
C SER B 115 14.23 -18.08 -8.95
N SER B 116 15.11 -19.09 -9.06
CA SER B 116 14.75 -20.52 -9.33
C SER B 116 14.05 -21.11 -8.10
N ARG B 117 13.21 -22.14 -8.26
CA ARG B 117 12.64 -22.94 -7.14
C ARG B 117 13.79 -23.71 -6.47
N GLU B 118 14.77 -24.13 -7.28
CA GLU B 118 16.03 -24.81 -6.87
C GLU B 118 16.84 -23.89 -5.95
N LEU B 119 16.92 -22.60 -6.31
CA LEU B 119 17.70 -21.57 -5.60
C LEU B 119 17.01 -21.24 -4.28
N VAL B 120 15.70 -21.06 -4.30
CA VAL B 120 14.91 -20.77 -3.06
C VAL B 120 14.94 -22.02 -2.16
N LYS B 121 14.96 -23.23 -2.73
CA LYS B 121 14.96 -24.50 -1.95
C LYS B 121 16.34 -24.70 -1.33
N LYS B 122 17.41 -24.31 -2.04
CA LYS B 122 18.81 -24.35 -1.51
C LYS B 122 18.87 -23.54 -0.23
N VAL B 123 18.43 -22.26 -0.28
CA VAL B 123 18.47 -21.31 0.86
C VAL B 123 17.59 -21.83 2.01
N SER B 124 16.38 -22.32 1.71
CA SER B 124 15.43 -22.94 2.68
C SER B 124 16.16 -24.03 3.46
N ASP B 125 16.85 -24.94 2.75
CA ASP B 125 17.66 -26.06 3.33
C ASP B 125 18.83 -25.50 4.14
N VAL B 126 19.48 -24.44 3.68
CA VAL B 126 20.66 -23.87 4.37
C VAL B 126 20.20 -23.30 5.72
N ILE B 127 19.01 -22.70 5.77
CA ILE B 127 18.37 -22.22 7.04
C ILE B 127 18.04 -23.45 7.88
N TRP B 128 17.12 -24.27 7.37
CA TRP B 128 16.64 -25.54 8.00
C TRP B 128 17.80 -26.32 8.64
N ASN B 129 18.87 -26.57 7.89
CA ASN B 129 20.05 -27.35 8.34
C ASN B 129 20.91 -26.59 9.37
N SER B 130 20.67 -25.31 9.60
CA SER B 130 21.44 -24.54 10.61
C SER B 130 20.86 -24.76 12.02
N LEU B 131 19.56 -25.05 12.15
CA LEU B 131 18.87 -25.13 13.47
C LEU B 131 19.36 -26.34 14.25
N SER B 132 19.34 -26.28 15.58
CA SER B 132 19.64 -27.44 16.47
C SER B 132 18.75 -28.64 16.11
N ARG B 133 19.30 -29.85 16.28
CA ARG B 133 18.59 -31.15 16.13
C ARG B 133 17.36 -31.17 17.07
N SER B 134 17.51 -30.82 18.36
CA SER B 134 16.42 -30.88 19.37
C SER B 134 16.23 -29.59 20.16
N TYR B 135 15.08 -28.94 19.99
CA TYR B 135 14.59 -27.81 20.82
C TYR B 135 13.07 -27.75 20.76
N PHE B 136 12.43 -27.54 21.91
CA PHE B 136 10.96 -27.36 22.02
C PHE B 136 10.56 -26.20 21.12
N LYS B 137 9.71 -26.48 20.13
CA LYS B 137 9.44 -25.57 18.98
C LYS B 137 8.50 -24.46 19.45
N ASP B 138 7.63 -24.73 20.43
CA ASP B 138 6.62 -23.77 20.97
C ASP B 138 7.25 -22.79 21.98
N ARG B 139 8.55 -22.90 22.23
CA ARG B 139 9.34 -21.98 23.11
C ARG B 139 9.07 -20.54 22.67
N ALA B 140 9.09 -19.59 23.61
CA ALA B 140 8.97 -18.13 23.31
C ALA B 140 10.31 -17.57 22.79
N HIS B 141 10.28 -16.40 22.17
CA HIS B 141 11.48 -15.57 21.84
C HIS B 141 12.48 -16.35 20.97
N ILE B 142 12.01 -17.06 19.95
CA ILE B 142 12.90 -17.74 18.96
C ILE B 142 12.41 -17.35 17.57
N GLN B 143 11.77 -16.19 17.46
CA GLN B 143 11.27 -15.62 16.18
C GLN B 143 12.43 -14.86 15.50
N SER B 144 13.19 -14.12 16.29
CA SER B 144 14.30 -13.22 15.86
C SER B 144 15.30 -13.98 15.01
N LEU B 145 16.11 -13.24 14.25
CA LEU B 145 17.37 -13.74 13.64
C LEU B 145 18.44 -13.78 14.73
N PHE B 146 18.26 -13.01 15.80
CA PHE B 146 19.14 -13.09 17.00
C PHE B 146 19.05 -14.51 17.55
N SER B 147 17.83 -15.02 17.74
CA SER B 147 17.57 -16.39 18.22
C SER B 147 18.27 -17.40 17.31
N PHE B 148 18.15 -17.23 16.00
CA PHE B 148 18.78 -18.13 14.99
C PHE B 148 20.29 -18.10 15.18
N ILE B 149 20.89 -16.91 15.16
CA ILE B 149 22.37 -16.73 15.11
C ILE B 149 22.98 -17.18 16.45
N THR B 150 22.56 -16.58 17.57
CA THR B 150 23.16 -16.87 18.91
C THR B 150 22.54 -18.15 19.50
N GLY B 151 21.29 -18.45 19.16
CA GLY B 151 20.58 -19.58 19.77
C GLY B 151 20.62 -20.82 18.89
N THR B 152 20.66 -20.61 17.57
CA THR B 152 20.58 -21.68 16.55
C THR B 152 19.21 -22.35 16.71
N LYS B 153 18.17 -21.55 17.03
CA LYS B 153 16.73 -21.97 17.15
C LYS B 153 15.79 -20.96 16.47
N LEU B 154 14.66 -21.44 15.94
CA LEU B 154 13.55 -20.61 15.35
C LEU B 154 12.20 -21.32 15.52
N ASP B 155 11.11 -20.56 15.70
CA ASP B 155 9.72 -21.11 15.64
C ASP B 155 9.34 -21.31 14.17
N SER B 156 8.20 -21.94 13.88
CA SER B 156 7.75 -22.27 12.49
C SER B 156 7.97 -21.06 11.57
N SER B 157 7.25 -19.96 11.82
CA SER B 157 7.22 -18.73 10.97
C SER B 157 8.61 -18.08 10.90
N GLY B 158 9.31 -17.97 12.03
CA GLY B 158 10.66 -17.40 12.12
C GLY B 158 11.59 -17.96 11.06
N VAL B 159 11.46 -19.26 10.76
CA VAL B 159 12.20 -19.98 9.67
C VAL B 159 11.90 -19.24 8.37
N ALA B 160 10.62 -19.19 7.99
CA ALA B 160 10.11 -18.47 6.80
C ALA B 160 10.81 -17.12 6.70
N PHE B 161 10.78 -16.34 7.79
CA PHE B 161 11.31 -14.96 7.83
C PHE B 161 12.83 -14.98 7.59
N ALA B 162 13.55 -15.93 8.17
CA ALA B 162 15.03 -16.00 8.04
C ALA B 162 15.37 -16.39 6.60
N VAL B 163 14.60 -17.30 6.01
CA VAL B 163 14.75 -17.73 4.58
C VAL B 163 14.64 -16.50 3.67
N VAL B 164 13.70 -15.60 3.96
CA VAL B 164 13.44 -14.36 3.17
C VAL B 164 14.58 -13.35 3.45
N GLY B 165 14.87 -13.12 4.74
CA GLY B 165 16.03 -12.34 5.19
C GLY B 165 17.32 -12.79 4.49
N ALA B 166 17.49 -14.11 4.35
CA ALA B 166 18.61 -14.77 3.65
C ALA B 166 18.58 -14.41 2.16
N CYS B 167 17.42 -14.62 1.54
CA CYS B 167 17.20 -14.35 0.10
C CYS B 167 17.45 -12.86 -0.18
N GLN B 168 17.18 -11.98 0.79
CA GLN B 168 17.53 -10.54 0.67
C GLN B 168 19.05 -10.44 0.60
N ALA B 169 19.74 -11.06 1.55
CA ALA B 169 21.22 -11.04 1.69
C ALA B 169 21.89 -11.47 0.38
N LEU B 170 21.22 -12.27 -0.45
CA LEU B 170 21.77 -12.80 -1.74
C LEU B 170 21.33 -11.92 -2.91
N GLY B 171 20.72 -10.75 -2.62
CA GLY B 171 20.15 -9.82 -3.63
C GLY B 171 18.99 -10.41 -4.41
N LEU B 172 18.25 -11.37 -3.85
CA LEU B 172 17.05 -12.02 -4.45
C LEU B 172 15.80 -11.17 -4.17
N ARG B 173 15.73 -9.99 -4.79
CA ARG B 173 14.67 -8.98 -4.64
C ARG B 173 13.28 -9.62 -4.64
N ASP B 174 13.09 -10.68 -5.42
CA ASP B 174 11.74 -11.16 -5.83
C ASP B 174 11.19 -12.13 -4.79
N VAL B 175 12.06 -12.85 -4.06
CA VAL B 175 11.64 -13.84 -3.01
C VAL B 175 11.05 -13.06 -1.84
N HIS B 176 9.75 -13.22 -1.58
CA HIS B 176 9.03 -12.50 -0.50
C HIS B 176 8.31 -13.46 0.43
N LEU B 177 7.87 -12.94 1.58
CA LEU B 177 7.15 -13.67 2.67
C LEU B 177 5.65 -13.67 2.36
N ALA B 178 5.02 -14.85 2.35
CA ALA B 178 3.55 -15.00 2.34
C ALA B 178 3.04 -15.40 3.73
N LEU B 179 1.94 -14.80 4.19
CA LEU B 179 1.34 -15.05 5.53
C LEU B 179 -0.15 -15.41 5.38
N SER B 180 -0.51 -16.58 5.87
CA SER B 180 -1.91 -17.01 6.18
C SER B 180 -2.28 -16.40 7.54
N GLU B 181 -3.28 -16.94 8.21
CA GLU B 181 -3.68 -16.49 9.57
C GLU B 181 -2.93 -17.32 10.62
N ASP B 182 -2.54 -18.57 10.33
CA ASP B 182 -1.75 -19.42 11.29
C ASP B 182 -0.62 -20.14 10.55
N HIS B 183 -0.10 -19.58 9.47
CA HIS B 183 0.99 -20.22 8.68
C HIS B 183 1.75 -19.12 7.94
N ALA B 184 3.00 -19.41 7.55
CA ALA B 184 3.90 -18.53 6.78
C ALA B 184 4.64 -19.37 5.75
N TRP B 185 4.85 -18.84 4.54
CA TRP B 185 5.73 -19.48 3.52
C TRP B 185 6.37 -18.40 2.66
N VAL B 186 6.86 -18.79 1.48
CA VAL B 186 7.63 -17.92 0.56
C VAL B 186 6.86 -17.79 -0.76
N VAL B 187 6.84 -16.59 -1.34
CA VAL B 187 6.41 -16.32 -2.73
C VAL B 187 7.63 -15.75 -3.48
N PHE B 188 7.77 -16.12 -4.75
CA PHE B 188 8.84 -15.62 -5.65
C PHE B 188 8.26 -15.63 -7.07
N GLY B 189 9.06 -15.28 -8.08
CA GLY B 189 8.62 -15.26 -9.48
C GLY B 189 8.01 -13.90 -9.84
N PRO B 190 7.48 -13.78 -11.09
CA PRO B 190 7.11 -12.47 -11.65
C PRO B 190 6.04 -11.70 -10.86
N ASN B 191 5.01 -12.38 -10.35
CA ASN B 191 3.85 -11.70 -9.74
C ASN B 191 3.72 -12.15 -8.30
N GLY B 192 4.77 -12.77 -7.74
CA GLY B 192 4.67 -13.63 -6.55
C GLY B 192 3.79 -14.84 -6.83
N GLU B 193 3.83 -15.36 -8.08
CA GLU B 193 3.06 -16.55 -8.55
C GLU B 193 3.70 -17.84 -8.03
N GLN B 194 5.04 -17.90 -8.02
CA GLN B 194 5.85 -19.04 -7.50
C GLN B 194 5.70 -19.11 -5.97
N THR B 195 5.36 -20.29 -5.46
CA THR B 195 4.97 -20.52 -4.05
C THR B 195 5.70 -21.77 -3.58
N ALA B 196 6.24 -21.77 -2.36
CA ALA B 196 7.08 -22.84 -1.79
C ALA B 196 6.94 -22.87 -0.26
N GLU B 197 6.70 -24.05 0.30
CA GLU B 197 6.76 -24.30 1.76
C GLU B 197 8.23 -24.31 2.16
N VAL B 198 8.61 -23.68 3.28
CA VAL B 198 10.02 -23.60 3.74
C VAL B 198 10.16 -24.08 5.20
N THR B 199 9.04 -24.27 5.91
CA THR B 199 8.98 -24.49 7.38
C THR B 199 7.90 -25.53 7.72
N TRP B 200 7.71 -25.86 9.00
CA TRP B 200 6.83 -26.98 9.47
C TRP B 200 5.49 -26.38 9.94
N HIS B 201 4.66 -27.13 10.68
CA HIS B 201 3.38 -26.64 11.26
C HIS B 201 2.71 -27.72 12.12
N GLY B 202 1.99 -27.31 13.19
CA GLY B 202 1.05 -28.14 13.96
C GLY B 202 1.53 -28.42 15.38
N LYS B 203 1.66 -29.70 15.74
CA LYS B 203 2.46 -30.17 16.90
C LYS B 203 3.70 -30.86 16.30
N GLY B 204 4.71 -30.08 15.89
CA GLY B 204 5.75 -30.49 14.92
C GLY B 204 5.08 -30.89 13.62
N ASN B 205 4.02 -31.71 13.72
CA ASN B 205 3.06 -32.16 12.68
C ASN B 205 3.81 -32.84 11.52
N GLU B 206 4.40 -32.05 10.61
CA GLU B 206 5.16 -32.56 9.44
C GLU B 206 5.75 -31.39 8.66
N ASP B 207 6.11 -31.64 7.40
CA ASP B 207 6.76 -30.69 6.47
C ASP B 207 5.78 -30.38 5.34
N ARG B 208 5.90 -31.10 4.22
CA ARG B 208 5.31 -30.75 2.89
C ARG B 208 6.30 -29.83 2.17
N ARG B 209 7.51 -29.61 2.73
CA ARG B 209 8.50 -28.58 2.30
C ARG B 209 8.85 -28.77 0.81
N GLY B 210 9.37 -27.71 0.18
CA GLY B 210 9.80 -27.67 -1.24
C GLY B 210 8.63 -27.58 -2.19
N GLN B 211 7.42 -27.75 -1.67
CA GLN B 211 6.23 -28.06 -2.48
C GLN B 211 5.45 -26.77 -2.73
N THR B 212 4.67 -26.75 -3.82
CA THR B 212 3.70 -25.68 -4.14
C THR B 212 2.65 -25.64 -3.04
N VAL B 213 1.76 -24.65 -3.09
CA VAL B 213 0.76 -24.35 -2.02
C VAL B 213 -0.64 -24.68 -2.57
N ASN B 214 -0.71 -25.19 -3.80
CA ASN B 214 -1.97 -25.37 -4.57
C ASN B 214 -2.89 -26.31 -3.82
N ALA B 215 -2.39 -27.49 -3.41
CA ALA B 215 -3.21 -28.51 -2.70
C ALA B 215 -4.03 -27.82 -1.60
N GLY B 216 -3.35 -27.07 -0.73
CA GLY B 216 -3.97 -26.43 0.45
C GLY B 216 -4.98 -25.37 0.04
N VAL B 217 -4.63 -24.58 -0.97
CA VAL B 217 -5.51 -23.48 -1.49
C VAL B 217 -6.75 -24.12 -2.12
N ALA B 218 -6.57 -25.22 -2.86
CA ALA B 218 -7.65 -25.94 -3.59
C ALA B 218 -8.65 -26.56 -2.60
N GLU B 219 -8.15 -27.03 -1.44
CA GLU B 219 -8.91 -27.83 -0.45
C GLU B 219 -9.90 -26.93 0.31
N ARG B 220 -9.78 -25.61 0.16
CA ARG B 220 -10.66 -24.58 0.78
C ARG B 220 -10.38 -24.56 2.28
N SER B 221 -9.14 -24.90 2.66
CA SER B 221 -8.68 -24.95 4.06
C SER B 221 -8.32 -23.53 4.49
N TRP B 222 -8.85 -23.13 5.65
CA TRP B 222 -8.67 -21.81 6.32
C TRP B 222 -7.19 -21.41 6.38
N LEU B 223 -6.27 -22.38 6.47
CA LEU B 223 -4.83 -22.09 6.66
C LEU B 223 -4.25 -21.40 5.41
N TYR B 224 -4.81 -21.70 4.24
CA TYR B 224 -4.39 -21.09 2.94
C TYR B 224 -5.47 -20.13 2.43
N LEU B 225 -6.35 -19.68 3.33
CA LEU B 225 -7.38 -18.65 3.13
C LEU B 225 -7.92 -18.68 1.70
N LYS B 226 -8.08 -19.87 1.11
CA LYS B 226 -8.63 -20.02 -0.28
C LYS B 226 -7.95 -19.06 -1.26
N GLY B 227 -6.65 -18.81 -1.11
CA GLY B 227 -5.88 -17.95 -2.03
C GLY B 227 -5.84 -16.49 -1.58
N SER B 228 -6.59 -16.11 -0.55
CA SER B 228 -6.70 -14.70 -0.06
C SER B 228 -5.69 -14.46 1.08
N TYR B 229 -4.46 -14.95 0.96
CA TYR B 229 -3.36 -14.75 1.95
C TYR B 229 -2.52 -13.51 1.59
N MET B 230 -1.60 -13.13 2.47
CA MET B 230 -0.76 -11.91 2.31
C MET B 230 0.53 -12.28 1.57
N ARG B 231 0.78 -11.65 0.42
CA ARG B 231 2.07 -11.73 -0.30
C ARG B 231 2.84 -10.43 0.03
N CYS B 232 3.67 -10.45 1.08
CA CYS B 232 4.35 -9.23 1.62
C CYS B 232 5.33 -8.63 0.61
N ASP B 233 5.34 -7.30 0.49
CA ASP B 233 6.45 -6.53 -0.11
C ASP B 233 7.44 -6.28 1.03
N ARG B 234 8.64 -5.74 0.75
CA ARG B 234 9.75 -5.66 1.74
C ARG B 234 9.22 -5.00 3.02
N LYS B 235 8.26 -4.06 2.91
CA LYS B 235 7.72 -3.29 4.07
C LYS B 235 6.73 -4.13 4.88
N MET B 236 5.91 -4.96 4.24
CA MET B 236 4.99 -5.90 4.92
C MET B 236 5.81 -6.98 5.64
N GLU B 237 7.00 -7.27 5.14
CA GLU B 237 7.97 -8.16 5.81
C GLU B 237 8.48 -7.51 7.10
N VAL B 238 8.71 -6.18 7.09
CA VAL B 238 9.22 -5.43 8.28
C VAL B 238 8.10 -5.39 9.33
N ALA B 239 6.88 -5.09 8.91
CA ALA B 239 5.66 -5.10 9.75
C ALA B 239 5.61 -6.41 10.55
N PHE B 240 5.70 -7.56 9.87
CA PHE B 240 5.64 -8.92 10.49
C PHE B 240 6.59 -9.01 11.69
N MET B 241 7.88 -8.94 11.38
CA MET B 241 8.99 -8.79 12.36
C MET B 241 8.52 -8.02 13.60
N VAL B 242 7.83 -6.88 13.42
CA VAL B 242 7.33 -6.00 14.52
C VAL B 242 6.13 -6.65 15.23
N CYS B 243 5.21 -7.28 14.51
CA CYS B 243 4.07 -8.03 15.10
C CYS B 243 4.62 -9.17 15.95
N ALA B 244 5.71 -9.76 15.48
CA ALA B 244 6.34 -10.98 16.03
C ALA B 244 7.08 -10.68 17.33
N ILE B 245 7.11 -9.43 17.78
CA ILE B 245 7.70 -9.07 19.11
C ILE B 245 6.84 -9.78 20.17
N ASN B 246 7.46 -10.63 21.00
CA ASN B 246 6.78 -11.33 22.12
C ASN B 246 7.20 -10.64 23.42
N PRO B 247 6.33 -9.77 23.97
CA PRO B 247 6.60 -9.10 25.24
C PRO B 247 6.58 -9.97 26.51
N SER B 248 6.13 -11.23 26.42
CA SER B 248 5.88 -12.12 27.59
C SER B 248 7.18 -12.43 28.33
N ILE B 249 7.34 -11.91 29.56
CA ILE B 249 8.57 -12.09 30.39
C ILE B 249 8.48 -13.45 31.10
N ASP B 250 7.31 -13.68 31.68
CA ASP B 250 6.88 -14.96 32.30
C ASP B 250 5.35 -14.98 32.11
N LEU B 251 4.63 -15.78 32.90
CA LEU B 251 3.21 -16.17 32.66
C LEU B 251 2.26 -15.06 33.09
N HIS B 252 2.72 -14.16 33.97
CA HIS B 252 1.89 -13.11 34.62
C HIS B 252 2.25 -11.72 34.06
N THR B 253 3.54 -11.47 33.82
CA THR B 253 4.07 -10.16 33.37
C THR B 253 4.35 -10.18 31.87
N ASP B 254 4.15 -9.02 31.24
CA ASP B 254 4.68 -8.66 29.91
C ASP B 254 5.67 -7.51 30.14
N SER B 255 6.59 -7.33 29.19
CA SER B 255 7.58 -6.24 29.12
C SER B 255 6.86 -4.94 28.73
N LEU B 256 6.89 -3.94 29.62
CA LEU B 256 6.23 -2.64 29.36
C LEU B 256 7.09 -1.83 28.38
N GLU B 257 8.21 -2.41 27.93
CA GLU B 257 9.13 -1.82 26.92
C GLU B 257 8.78 -2.39 25.54
N LEU B 258 8.69 -3.72 25.44
CA LEU B 258 8.33 -4.43 24.19
C LEU B 258 6.91 -4.03 23.78
N LEU B 259 5.99 -3.88 24.72
CA LEU B 259 4.63 -3.40 24.42
C LEU B 259 4.72 -2.00 23.82
N GLN B 260 5.41 -1.07 24.51
CA GLN B 260 5.52 0.37 24.14
C GLN B 260 6.40 0.54 22.88
N LEU B 261 7.25 -0.43 22.53
CA LEU B 261 8.07 -0.43 21.27
C LEU B 261 7.23 -1.00 20.12
N GLN B 262 6.57 -2.15 20.31
CA GLN B 262 5.64 -2.74 19.30
C GLN B 262 4.64 -1.65 18.87
N GLN B 263 4.21 -0.82 19.82
CA GLN B 263 3.16 0.22 19.60
C GLN B 263 3.69 1.31 18.67
N LYS B 264 4.85 1.89 19.01
CA LYS B 264 5.45 3.06 18.30
C LYS B 264 5.85 2.64 16.88
N LEU B 265 6.35 1.41 16.74
CA LEU B 265 6.82 0.80 15.46
C LEU B 265 5.59 0.52 14.58
N LEU B 266 4.49 0.05 15.15
CA LEU B 266 3.29 -0.22 14.33
C LEU B 266 2.73 1.11 13.81
N TRP B 267 2.77 2.20 14.60
CA TRP B 267 2.31 3.54 14.11
C TRP B 267 3.24 4.05 12.99
N LEU B 268 4.53 3.78 13.08
CA LEU B 268 5.51 4.19 12.04
C LEU B 268 5.09 3.60 10.69
N LEU B 269 4.78 2.29 10.69
CA LEU B 269 4.37 1.49 9.50
C LEU B 269 2.95 1.86 9.06
N TYR B 270 2.11 2.27 10.01
CA TYR B 270 0.76 2.84 9.75
C TYR B 270 0.89 4.14 8.94
N ASP B 271 1.59 5.13 9.49
CA ASP B 271 1.78 6.50 8.94
C ASP B 271 2.43 6.44 7.55
N LEU B 272 3.13 5.35 7.23
CA LEU B 272 3.80 5.16 5.92
C LEU B 272 2.93 4.31 4.99
N GLY B 273 1.78 3.85 5.49
CA GLY B 273 0.74 3.11 4.76
C GLY B 273 1.13 1.67 4.48
N HIS B 274 2.01 1.09 5.29
CA HIS B 274 2.52 -0.30 5.14
C HIS B 274 1.56 -1.31 5.79
N LEU B 275 0.59 -0.84 6.58
CA LEU B 275 -0.42 -1.68 7.28
C LEU B 275 -1.77 -1.64 6.53
N GLU B 276 -1.80 -1.10 5.32
CA GLU B 276 -3.05 -0.95 4.53
C GLU B 276 -3.57 -2.34 4.12
N ARG B 277 -2.68 -3.33 4.03
CA ARG B 277 -3.05 -4.68 3.52
C ARG B 277 -2.71 -5.74 4.57
N TYR B 278 -2.74 -5.36 5.85
CA TYR B 278 -2.32 -6.21 7.01
C TYR B 278 -3.37 -6.10 8.12
N PRO B 279 -4.49 -6.85 8.05
CA PRO B 279 -5.57 -6.71 9.02
C PRO B 279 -5.18 -7.09 10.46
N MET B 280 -4.42 -8.20 10.60
CA MET B 280 -3.96 -8.71 11.91
C MET B 280 -3.06 -7.65 12.56
N ALA B 281 -2.28 -6.92 11.76
CA ALA B 281 -1.36 -5.87 12.24
C ALA B 281 -2.16 -4.73 12.87
N LEU B 282 -3.34 -4.43 12.30
CA LEU B 282 -4.20 -3.28 12.71
C LEU B 282 -4.94 -3.67 13.99
N GLY B 283 -5.28 -4.95 14.15
CA GLY B 283 -5.88 -5.48 15.39
C GLY B 283 -4.87 -5.46 16.53
N ASN B 284 -3.62 -5.82 16.21
CA ASN B 284 -2.47 -5.75 17.14
C ASN B 284 -2.45 -4.34 17.73
N LEU B 285 -2.51 -3.32 16.88
CA LEU B 285 -2.33 -1.88 17.26
C LEU B 285 -3.52 -1.40 18.07
N ALA B 286 -4.71 -1.93 17.78
CA ALA B 286 -5.98 -1.63 18.50
C ALA B 286 -5.89 -2.19 19.93
N ASP B 287 -5.48 -3.46 20.08
CA ASP B 287 -5.25 -4.14 21.38
C ASP B 287 -4.28 -3.30 22.24
N LEU B 288 -3.24 -2.73 21.62
CA LEU B 288 -2.19 -1.94 22.34
C LEU B 288 -2.71 -0.53 22.64
N GLU B 289 -3.55 0.00 21.74
CA GLU B 289 -4.26 1.29 21.92
C GLU B 289 -5.28 1.10 23.05
N GLU B 290 -5.95 -0.03 23.13
CA GLU B 290 -6.87 -0.34 24.24
C GLU B 290 -6.12 -0.14 25.56
N LEU B 291 -5.03 -0.91 25.72
CA LEU B 291 -4.13 -0.89 26.92
C LEU B 291 -3.76 0.54 27.29
N GLU B 292 -3.17 1.28 26.34
CA GLU B 292 -2.56 2.61 26.53
C GLU B 292 -2.87 3.47 25.30
N PRO B 293 -3.97 4.27 25.28
CA PRO B 293 -4.30 5.08 24.12
C PRO B 293 -3.16 6.10 23.94
N THR B 294 -2.39 6.03 22.85
CA THR B 294 -1.49 7.15 22.49
C THR B 294 -2.39 8.31 22.05
N PRO B 295 -2.24 9.50 22.67
CA PRO B 295 -3.13 10.64 22.42
C PRO B 295 -3.00 11.20 20.99
N GLY B 296 -4.12 11.57 20.36
CA GLY B 296 -4.19 12.08 18.98
C GLY B 296 -4.46 10.99 17.96
N ARG B 297 -4.15 9.73 18.27
CA ARG B 297 -4.36 8.57 17.37
C ARG B 297 -5.81 8.11 17.43
N PRO B 298 -6.29 7.32 16.44
CA PRO B 298 -7.63 6.75 16.48
C PRO B 298 -7.92 5.89 17.72
N ASP B 299 -9.18 5.89 18.15
CA ASP B 299 -9.62 4.99 19.24
C ASP B 299 -9.63 3.59 18.62
N PRO B 300 -9.28 2.54 19.40
CA PRO B 300 -9.07 1.18 18.89
C PRO B 300 -10.17 0.64 17.97
N LEU B 301 -11.43 0.81 18.38
CA LEU B 301 -12.65 0.41 17.64
C LEU B 301 -12.47 0.73 16.15
N THR B 302 -12.07 1.98 15.85
CA THR B 302 -11.74 2.51 14.51
C THR B 302 -10.77 1.55 13.81
N LEU B 303 -9.66 1.25 14.49
CA LEU B 303 -8.55 0.41 13.97
C LEU B 303 -9.03 -1.03 13.73
N TYR B 304 -9.80 -1.62 14.66
CA TYR B 304 -10.46 -2.94 14.48
C TYR B 304 -11.18 -2.98 13.13
N HIS B 305 -11.89 -1.91 12.79
CA HIS B 305 -12.75 -1.81 11.58
C HIS B 305 -11.88 -1.62 10.34
N LYS B 306 -10.68 -1.05 10.48
CA LYS B 306 -9.70 -0.95 9.36
C LYS B 306 -9.18 -2.36 9.06
N GLY B 307 -9.03 -3.19 10.08
CA GLY B 307 -8.70 -4.61 9.88
C GLY B 307 -9.69 -5.23 8.93
N ILE B 308 -10.97 -5.15 9.30
CA ILE B 308 -12.11 -5.61 8.46
C ILE B 308 -11.99 -4.94 7.07
N ALA B 309 -11.88 -3.60 7.04
CA ALA B 309 -11.78 -2.78 5.81
C ALA B 309 -10.70 -3.37 4.90
N SER B 310 -9.47 -3.44 5.38
CA SER B 310 -8.36 -4.12 4.68
C SER B 310 -8.86 -5.48 4.21
N ALA B 311 -9.25 -6.35 5.15
CA ALA B 311 -9.65 -7.75 4.89
C ALA B 311 -10.61 -7.84 3.70
N LYS B 312 -11.70 -7.07 3.72
CA LYS B 312 -12.77 -7.11 2.68
C LYS B 312 -12.24 -6.67 1.31
N THR B 313 -11.41 -5.63 1.30
CA THR B 313 -10.90 -4.98 0.07
C THR B 313 -9.91 -5.93 -0.61
N TYR B 314 -8.85 -6.32 0.09
CA TYR B 314 -7.65 -6.94 -0.54
C TYR B 314 -7.75 -8.48 -0.50
N TYR B 315 -8.66 -9.02 0.31
CA TYR B 315 -8.64 -10.47 0.69
C TYR B 315 -10.04 -11.07 0.62
N ARG B 316 -10.92 -10.52 -0.25
CA ARG B 316 -12.25 -11.06 -0.61
C ARG B 316 -13.12 -11.35 0.63
N ASP B 317 -12.78 -10.72 1.76
CA ASP B 317 -13.44 -10.94 3.09
C ASP B 317 -13.45 -12.42 3.48
N GLU B 318 -12.32 -13.10 3.31
CA GLU B 318 -12.12 -14.54 3.63
C GLU B 318 -11.16 -14.68 4.82
N HIS B 319 -11.01 -13.63 5.62
CA HIS B 319 -10.21 -13.62 6.88
C HIS B 319 -11.17 -13.65 8.05
N ILE B 320 -10.70 -14.17 9.19
CA ILE B 320 -11.52 -14.40 10.41
C ILE B 320 -11.02 -13.52 11.55
N TYR B 321 -9.70 -13.30 11.62
CA TYR B 321 -9.08 -12.63 12.79
C TYR B 321 -9.59 -11.21 12.91
N PRO B 322 -9.88 -10.45 11.82
CA PRO B 322 -10.35 -9.07 11.99
C PRO B 322 -11.63 -9.03 12.85
N TYR B 323 -12.52 -10.01 12.66
CA TYR B 323 -13.82 -10.11 13.37
C TYR B 323 -13.63 -10.55 14.82
N MET B 324 -12.78 -11.56 15.04
CA MET B 324 -12.41 -12.10 16.37
C MET B 324 -11.83 -10.96 17.22
N TYR B 325 -10.89 -10.21 16.64
CA TYR B 325 -10.24 -9.01 17.25
C TYR B 325 -11.32 -8.04 17.76
N LEU B 326 -12.30 -7.74 16.89
CA LEU B 326 -13.49 -6.89 17.16
C LEU B 326 -14.34 -7.59 18.23
N ALA B 327 -14.82 -8.80 17.92
CA ALA B 327 -15.68 -9.62 18.80
C ALA B 327 -15.12 -9.63 20.22
N GLY B 328 -13.79 -9.68 20.35
CA GLY B 328 -13.11 -9.74 21.66
C GLY B 328 -13.06 -8.37 22.33
N TYR B 329 -12.98 -7.30 21.55
CA TYR B 329 -12.95 -5.93 22.10
C TYR B 329 -14.25 -5.71 22.84
N HIS B 330 -15.35 -5.71 22.07
CA HIS B 330 -16.75 -5.66 22.56
C HIS B 330 -16.88 -6.58 23.79
N CYS B 331 -16.47 -7.84 23.68
CA CYS B 331 -16.60 -8.86 24.76
C CYS B 331 -16.08 -8.33 26.10
N ARG B 332 -14.91 -7.69 26.10
CA ARG B 332 -14.26 -7.14 27.31
C ARG B 332 -15.11 -6.01 27.90
N ASN B 333 -15.73 -5.18 27.05
CA ASN B 333 -16.47 -3.96 27.44
C ASN B 333 -17.97 -4.26 27.59
N ARG B 334 -18.33 -5.55 27.73
CA ARG B 334 -19.70 -6.07 27.99
C ARG B 334 -20.67 -5.62 26.88
N ASN B 335 -20.19 -5.52 25.64
CA ASN B 335 -21.01 -5.20 24.44
C ASN B 335 -21.56 -6.51 23.89
N VAL B 336 -22.47 -7.12 24.64
CA VAL B 336 -23.05 -8.47 24.40
C VAL B 336 -23.66 -8.54 22.99
N ARG B 337 -24.07 -7.40 22.41
CA ARG B 337 -24.76 -7.35 21.09
C ARG B 337 -23.72 -7.33 19.97
N GLU B 338 -22.84 -6.34 19.99
CA GLU B 338 -21.81 -6.14 18.93
C GLU B 338 -20.82 -7.31 18.97
N ALA B 339 -20.52 -7.80 20.18
CA ALA B 339 -19.67 -8.98 20.43
C ALA B 339 -20.24 -10.18 19.66
N LEU B 340 -21.51 -10.50 19.92
CA LEU B 340 -22.19 -11.68 19.31
C LEU B 340 -22.29 -11.54 17.78
N GLN B 341 -22.51 -10.31 17.29
CA GLN B 341 -22.68 -9.98 15.85
C GLN B 341 -21.34 -10.14 15.11
N ALA B 342 -20.22 -9.83 15.76
CA ALA B 342 -18.86 -10.09 15.25
C ALA B 342 -18.63 -11.59 15.13
N TRP B 343 -18.73 -12.33 16.23
CA TRP B 343 -18.59 -13.81 16.24
C TRP B 343 -19.53 -14.42 15.20
N ALA B 344 -20.75 -13.89 15.02
CA ALA B 344 -21.65 -14.34 13.93
C ALA B 344 -20.92 -14.16 12.58
N ASP B 345 -20.35 -12.98 12.32
CA ASP B 345 -19.61 -12.69 11.07
C ASP B 345 -18.58 -13.81 10.84
N THR B 346 -17.80 -14.11 11.89
CA THR B 346 -16.76 -15.17 11.89
C THR B 346 -17.36 -16.44 11.27
N ALA B 347 -18.55 -16.83 11.71
CA ALA B 347 -19.27 -18.02 11.20
C ALA B 347 -19.70 -17.77 9.75
N THR B 348 -20.15 -16.55 9.41
CA THR B 348 -20.56 -16.12 8.04
C THR B 348 -19.36 -16.18 7.08
N VAL B 349 -18.14 -15.98 7.61
CA VAL B 349 -16.85 -16.10 6.86
C VAL B 349 -16.44 -17.57 6.77
N ILE B 350 -16.52 -18.32 7.88
CA ILE B 350 -15.94 -19.71 7.97
C ILE B 350 -16.84 -20.71 7.23
N GLN B 351 -18.13 -20.41 7.04
CA GLN B 351 -19.07 -21.35 6.38
C GLN B 351 -18.55 -21.67 4.98
N ASP B 352 -18.04 -20.65 4.30
CA ASP B 352 -17.54 -20.70 2.90
C ASP B 352 -16.23 -21.50 2.82
N TYR B 353 -15.66 -21.92 3.96
CA TYR B 353 -14.46 -22.78 4.07
C TYR B 353 -14.85 -24.25 4.31
N ASN B 354 -13.83 -25.11 4.44
CA ASN B 354 -13.93 -26.54 4.83
C ASN B 354 -12.87 -26.84 5.91
N TYR B 355 -13.22 -27.64 6.92
CA TYR B 355 -12.35 -27.98 8.07
C TYR B 355 -11.38 -29.12 7.71
N CYS B 356 -10.06 -28.86 7.81
CA CYS B 356 -8.96 -29.84 7.60
C CYS B 356 -8.17 -29.95 8.88
N ARG B 357 -7.54 -31.11 9.14
CA ARG B 357 -6.79 -31.44 10.39
C ARG B 357 -5.87 -30.26 10.75
N GLU B 358 -5.32 -29.59 9.74
CA GLU B 358 -4.31 -28.51 9.91
C GLU B 358 -4.97 -27.17 10.20
N ASP B 359 -6.30 -27.10 10.29
CA ASP B 359 -7.01 -25.86 10.71
C ASP B 359 -7.12 -25.85 12.25
N GLU B 360 -6.46 -26.80 12.93
CA GLU B 360 -6.66 -27.10 14.38
C GLU B 360 -6.74 -25.80 15.19
N GLU B 361 -5.95 -24.77 14.84
CA GLU B 361 -5.78 -23.55 15.67
C GLU B 361 -7.05 -22.67 15.64
N ILE B 362 -7.73 -22.54 14.51
CA ILE B 362 -8.98 -21.73 14.41
C ILE B 362 -10.13 -22.51 15.04
N TYR B 363 -10.18 -23.83 14.84
CA TYR B 363 -11.11 -24.77 15.54
C TYR B 363 -11.06 -24.52 17.05
N LYS B 364 -9.84 -24.41 17.61
CA LYS B 364 -9.62 -24.09 19.05
C LYS B 364 -10.32 -22.76 19.38
N GLU B 365 -10.22 -21.80 18.48
CA GLU B 365 -10.83 -20.45 18.67
C GLU B 365 -12.36 -20.58 18.66
N PHE B 366 -12.95 -21.07 17.55
CA PHE B 366 -14.40 -21.33 17.38
C PHE B 366 -14.91 -22.25 18.49
N PHE B 367 -14.08 -23.19 18.96
CA PHE B 367 -14.42 -24.06 20.12
C PHE B 367 -14.51 -23.18 21.36
N GLU B 368 -13.41 -22.51 21.69
CA GLU B 368 -13.27 -21.62 22.87
C GLU B 368 -14.49 -20.70 22.95
N VAL B 369 -14.82 -19.96 21.87
CA VAL B 369 -15.92 -18.93 21.93
C VAL B 369 -17.25 -19.67 22.09
N ALA B 370 -17.49 -20.71 21.30
CA ALA B 370 -18.77 -21.46 21.29
C ALA B 370 -19.06 -22.03 22.68
N ASN B 371 -18.00 -22.45 23.40
CA ASN B 371 -18.09 -23.35 24.57
C ASN B 371 -17.43 -22.75 25.82
N ASP B 372 -17.17 -21.44 25.86
CA ASP B 372 -16.55 -20.78 27.03
C ASP B 372 -16.93 -19.29 27.06
N VAL B 373 -16.48 -18.52 26.08
CA VAL B 373 -16.54 -17.03 26.06
C VAL B 373 -18.01 -16.59 26.00
N ILE B 374 -18.76 -17.17 25.05
CA ILE B 374 -20.23 -16.96 24.86
C ILE B 374 -20.91 -17.46 26.13
N PRO B 375 -20.82 -18.76 26.49
CA PRO B 375 -21.41 -19.26 27.74
C PRO B 375 -21.27 -18.33 28.95
N ASN B 376 -20.10 -17.74 29.15
CA ASN B 376 -19.77 -16.91 30.33
C ASN B 376 -20.37 -15.52 30.18
N LEU B 377 -20.28 -14.93 28.98
CA LEU B 377 -20.83 -13.57 28.70
C LEU B 377 -22.34 -13.55 28.89
N LEU B 378 -23.04 -14.59 28.39
CA LEU B 378 -24.52 -14.76 28.49
C LEU B 378 -24.91 -15.05 29.94
N LYS B 379 -24.16 -15.94 30.61
CA LYS B 379 -24.25 -16.20 32.07
C LYS B 379 -24.06 -14.88 32.82
N GLU B 380 -23.04 -14.10 32.45
CA GLU B 380 -22.69 -12.80 33.06
C GLU B 380 -23.87 -11.84 32.87
N ALA B 381 -24.54 -11.94 31.72
CA ALA B 381 -25.70 -11.12 31.33
C ALA B 381 -26.97 -11.66 31.97
N ALA B 382 -27.06 -12.99 32.14
CA ALA B 382 -28.16 -13.71 32.82
C ALA B 382 -28.21 -13.25 34.28
N SER B 383 -27.05 -13.08 34.90
CA SER B 383 -26.85 -12.77 36.34
C SER B 383 -27.28 -11.34 36.65
N LEU B 384 -27.28 -10.44 35.66
CA LEU B 384 -27.65 -9.00 35.84
C LEU B 384 -29.17 -8.83 35.74
N LEU B 385 -29.80 -9.56 34.81
CA LEU B 385 -31.28 -9.65 34.69
C LEU B 385 -31.84 -10.11 36.04
N GLU B 386 -31.24 -11.13 36.65
CA GLU B 386 -31.43 -11.47 38.09
C GLU B 386 -31.08 -10.20 38.88
N ALA B 387 -32.09 -9.46 39.36
CA ALA B 387 -32.02 -8.08 39.90
C ALA B 387 -31.99 -7.06 38.75
N SER B 404 -30.82 -7.52 29.69
CA SER B 404 -31.37 -6.70 28.57
C SER B 404 -30.93 -7.30 27.22
N ALA B 405 -29.72 -7.88 27.18
CA ALA B 405 -29.18 -8.61 26.01
C ALA B 405 -30.05 -9.85 25.73
N LEU B 406 -30.48 -10.54 26.79
CA LEU B 406 -31.24 -11.83 26.72
C LEU B 406 -32.72 -11.57 26.46
N GLN B 407 -33.11 -10.30 26.37
CA GLN B 407 -34.48 -9.86 26.00
C GLN B 407 -34.50 -9.32 24.56
N ASP B 408 -33.35 -8.89 24.05
CA ASP B 408 -33.19 -8.48 22.63
C ASP B 408 -33.24 -9.72 21.73
N PRO B 409 -34.22 -9.85 20.83
CA PRO B 409 -34.23 -10.98 19.89
C PRO B 409 -33.05 -10.97 18.91
N GLU B 410 -32.50 -9.78 18.61
CA GLU B 410 -31.40 -9.63 17.63
C GLU B 410 -30.18 -10.37 18.19
N CYS B 411 -29.94 -10.25 19.49
CA CYS B 411 -28.85 -10.98 20.19
C CYS B 411 -29.03 -12.47 20.01
N PHE B 412 -30.27 -12.97 20.07
CA PHE B 412 -30.61 -14.37 19.75
C PHE B 412 -30.28 -14.64 18.28
N ALA B 413 -30.69 -13.75 17.38
CA ALA B 413 -30.53 -13.91 15.91
C ALA B 413 -29.05 -14.04 15.54
N HIS B 414 -28.15 -13.34 16.25
CA HIS B 414 -26.69 -13.42 16.00
C HIS B 414 -26.18 -14.82 16.39
N LEU B 415 -26.44 -15.22 17.63
CA LEU B 415 -26.05 -16.55 18.20
C LEU B 415 -26.39 -17.64 17.17
N LEU B 416 -27.59 -17.59 16.60
CA LEU B 416 -28.06 -18.61 15.62
C LEU B 416 -27.17 -18.54 14.37
N ARG B 417 -26.91 -17.33 13.90
CA ARG B 417 -26.15 -17.09 12.64
C ARG B 417 -24.75 -17.67 12.79
N PHE B 418 -24.29 -17.71 14.04
CA PHE B 418 -23.00 -18.29 14.49
C PHE B 418 -23.03 -19.80 14.26
N TYR B 419 -23.89 -20.52 15.00
CA TYR B 419 -24.01 -21.99 14.92
C TYR B 419 -24.46 -22.35 13.50
N ASP B 420 -25.18 -21.46 12.81
CA ASP B 420 -25.47 -21.68 11.38
C ASP B 420 -24.15 -21.77 10.62
N GLY B 421 -23.38 -20.67 10.58
CA GLY B 421 -22.13 -20.59 9.81
C GLY B 421 -21.19 -21.76 10.07
N ILE B 422 -21.19 -22.28 11.30
CA ILE B 422 -20.25 -23.36 11.76
C ILE B 422 -20.71 -24.72 11.21
N CYS B 423 -22.02 -24.98 11.22
CA CYS B 423 -22.62 -26.21 10.63
C CYS B 423 -22.28 -26.27 9.13
N LYS B 424 -22.24 -25.12 8.48
CA LYS B 424 -21.99 -24.99 7.03
C LYS B 424 -20.50 -25.19 6.76
N TRP B 425 -19.65 -24.80 7.71
CA TRP B 425 -18.19 -25.02 7.62
C TRP B 425 -17.94 -26.52 7.46
N GLU B 426 -18.51 -27.27 8.41
CA GLU B 426 -18.58 -28.75 8.52
C GLU B 426 -19.11 -29.38 7.24
N GLU B 427 -20.33 -29.01 6.82
CA GLU B 427 -20.90 -29.44 5.53
C GLU B 427 -19.76 -29.51 4.51
N GLY B 428 -19.53 -30.67 3.90
CA GLY B 428 -18.56 -30.87 2.80
C GLY B 428 -17.16 -31.26 3.27
N SER B 429 -16.77 -30.93 4.52
CA SER B 429 -15.43 -31.16 5.12
C SER B 429 -15.14 -32.67 5.27
N PRO B 430 -13.87 -33.13 5.24
CA PRO B 430 -13.54 -34.54 5.49
C PRO B 430 -13.48 -34.95 6.98
N THR B 431 -13.41 -33.97 7.88
CA THR B 431 -13.33 -34.16 9.36
C THR B 431 -14.58 -33.53 9.99
N PRO B 432 -15.28 -34.19 10.94
CA PRO B 432 -16.44 -33.58 11.57
C PRO B 432 -15.96 -32.44 12.47
N VAL B 433 -16.82 -31.45 12.70
CA VAL B 433 -16.53 -30.28 13.59
C VAL B 433 -17.35 -30.46 14.88
N LEU B 434 -18.65 -30.74 14.73
CA LEU B 434 -19.58 -30.76 15.88
C LEU B 434 -19.74 -32.20 16.40
N HIS B 435 -19.67 -32.32 17.74
CA HIS B 435 -19.79 -33.57 18.52
C HIS B 435 -20.29 -33.18 19.92
N VAL B 436 -20.90 -34.12 20.66
CA VAL B 436 -21.69 -33.88 21.91
C VAL B 436 -21.05 -32.75 22.72
N GLY B 437 -19.70 -32.69 22.74
CA GLY B 437 -18.87 -31.68 23.40
C GLY B 437 -19.41 -30.26 23.27
N TRP B 438 -20.03 -29.94 22.12
CA TRP B 438 -20.52 -28.59 21.73
C TRP B 438 -21.98 -28.36 22.09
N ALA B 439 -22.74 -29.46 22.27
CA ALA B 439 -24.22 -29.50 22.20
C ALA B 439 -24.84 -28.98 23.51
N THR B 440 -24.34 -29.45 24.66
CA THR B 440 -24.80 -29.07 26.02
C THR B 440 -24.59 -27.56 26.23
N PHE B 441 -23.54 -27.00 25.62
CA PHE B 441 -23.18 -25.56 25.65
C PHE B 441 -24.12 -24.76 24.74
N LEU B 442 -24.43 -25.26 23.55
CA LEU B 442 -25.44 -24.61 22.66
C LEU B 442 -26.76 -24.50 23.44
N VAL B 443 -27.26 -25.64 23.94
CA VAL B 443 -28.52 -25.77 24.70
C VAL B 443 -28.54 -24.78 25.88
N GLN B 444 -27.47 -24.75 26.70
CA GLN B 444 -27.38 -23.75 27.80
C GLN B 444 -27.61 -22.39 27.16
N SER B 445 -26.90 -22.14 26.06
CA SER B 445 -26.83 -20.82 25.37
C SER B 445 -28.21 -20.43 24.83
N LEU B 446 -28.96 -21.37 24.24
CA LEU B 446 -30.35 -21.14 23.81
C LEU B 446 -31.19 -20.69 25.02
N GLY B 447 -31.00 -21.33 26.18
CA GLY B 447 -31.89 -21.23 27.35
C GLY B 447 -31.72 -19.95 28.16
N ARG B 448 -30.98 -18.97 27.66
CA ARG B 448 -30.84 -17.65 28.32
C ARG B 448 -32.00 -16.74 27.86
N PHE B 449 -32.48 -16.97 26.64
CA PHE B 449 -33.56 -16.17 25.98
C PHE B 449 -34.90 -16.85 26.28
N GLU B 450 -35.85 -16.08 26.80
CA GLU B 450 -37.22 -16.59 27.06
C GLU B 450 -37.84 -17.00 25.72
N GLY B 451 -38.69 -18.02 25.72
CA GLY B 451 -39.42 -18.49 24.53
C GLY B 451 -40.02 -17.34 23.74
N GLN B 452 -40.57 -16.34 24.43
CA GLN B 452 -41.21 -15.15 23.80
C GLN B 452 -40.15 -14.41 22.97
N VAL B 453 -38.97 -14.19 23.56
CA VAL B 453 -37.82 -13.46 22.96
C VAL B 453 -37.29 -14.25 21.75
N ARG B 454 -37.11 -15.57 21.90
CA ARG B 454 -36.59 -16.45 20.82
C ARG B 454 -37.57 -16.41 19.64
N GLN B 455 -38.87 -16.31 19.94
CA GLN B 455 -39.96 -16.47 18.95
C GLN B 455 -40.04 -15.24 18.04
N LYS B 456 -39.48 -14.08 18.43
CA LYS B 456 -39.55 -12.84 17.63
C LYS B 456 -38.50 -12.85 16.49
N VAL B 457 -37.75 -13.96 16.36
CA VAL B 457 -36.82 -14.21 15.21
C VAL B 457 -37.55 -15.06 14.17
N ARG B 458 -37.99 -14.42 13.09
CA ARG B 458 -38.41 -15.04 11.80
C ARG B 458 -37.20 -15.78 11.22
N ILE B 459 -37.40 -17.02 10.75
CA ILE B 459 -36.32 -17.88 10.17
C ILE B 459 -36.81 -18.48 8.85
N VAL B 460 -35.94 -18.47 7.83
CA VAL B 460 -36.17 -19.01 6.46
C VAL B 460 -34.97 -19.91 6.08
N SER B 461 -35.22 -20.91 5.22
CA SER B 461 -34.31 -22.05 4.88
C SER B 461 -33.74 -21.90 3.47
N GLY B 462 -33.17 -20.74 3.13
CA GLY B 462 -32.69 -20.40 1.78
C GLY B 462 -31.87 -21.52 1.16
N GLY B 490 -39.78 -7.77 13.31
CA GLY B 490 -38.79 -8.67 13.94
C GLY B 490 -37.58 -8.93 13.02
N PRO B 491 -36.53 -9.62 13.51
CA PRO B 491 -35.34 -9.92 12.71
C PRO B 491 -35.63 -11.10 11.77
N VAL B 492 -35.10 -11.05 10.54
CA VAL B 492 -35.12 -12.19 9.58
C VAL B 492 -33.72 -12.79 9.53
N LEU B 493 -33.62 -14.08 9.81
CA LEU B 493 -32.37 -14.85 9.74
C LEU B 493 -32.57 -15.93 8.67
N THR B 494 -31.59 -16.08 7.78
CA THR B 494 -31.59 -17.15 6.75
C THR B 494 -30.50 -18.17 7.14
N PHE B 495 -30.89 -19.43 7.39
CA PHE B 495 -29.96 -20.56 7.67
C PHE B 495 -29.49 -21.17 6.35
N GLN B 496 -28.19 -21.48 6.25
CA GLN B 496 -27.52 -22.11 5.08
C GLN B 496 -27.28 -23.59 5.36
N SER B 497 -26.74 -23.89 6.55
CA SER B 497 -26.40 -25.24 7.07
C SER B 497 -27.66 -26.12 7.17
N GLU B 498 -27.57 -27.35 6.64
CA GLU B 498 -28.66 -28.36 6.68
C GLU B 498 -28.97 -28.75 8.13
N LYS B 499 -27.99 -28.75 9.03
CA LYS B 499 -28.20 -29.18 10.44
C LYS B 499 -29.18 -28.23 11.12
N MET B 500 -29.01 -26.91 10.93
CA MET B 500 -29.76 -25.84 11.63
C MET B 500 -31.13 -25.63 10.99
N LYS B 501 -31.30 -25.99 9.71
CA LYS B 501 -32.62 -25.96 9.02
C LYS B 501 -33.54 -27.05 9.58
N GLY B 502 -33.02 -28.28 9.73
CA GLY B 502 -33.71 -29.43 10.33
C GLY B 502 -34.30 -29.11 11.69
N MET B 503 -33.81 -28.07 12.38
CA MET B 503 -34.30 -27.68 13.75
C MET B 503 -34.72 -26.21 13.81
N LYS B 504 -35.13 -25.60 12.69
CA LYS B 504 -35.58 -24.18 12.64
C LYS B 504 -36.65 -23.97 13.72
N GLU B 505 -37.61 -24.91 13.80
CA GLU B 505 -38.81 -24.88 14.70
C GLU B 505 -38.40 -25.25 16.13
N LEU B 506 -37.28 -25.95 16.32
CA LEU B 506 -36.89 -26.53 17.62
C LEU B 506 -36.20 -25.49 18.50
N LEU B 507 -35.55 -24.47 17.91
CA LEU B 507 -34.76 -23.45 18.68
C LEU B 507 -35.69 -22.30 19.09
N VAL B 508 -36.87 -22.19 18.50
CA VAL B 508 -37.85 -21.14 18.89
C VAL B 508 -38.84 -21.75 19.89
N ALA B 509 -39.18 -23.04 19.77
CA ALA B 509 -40.08 -23.79 20.68
C ALA B 509 -39.91 -23.31 22.13
N THR B 510 -40.98 -22.89 22.79
CA THR B 510 -40.93 -22.32 24.18
C THR B 510 -40.18 -23.30 25.10
N LYS B 511 -40.62 -24.57 25.14
CA LYS B 511 -39.92 -25.70 25.83
C LYS B 511 -38.83 -26.22 24.87
N ILE B 512 -37.57 -26.24 25.32
CA ILE B 512 -36.41 -26.69 24.50
C ILE B 512 -36.31 -28.22 24.60
N ASN B 513 -36.12 -28.88 23.46
CA ASN B 513 -36.11 -30.37 23.30
C ASN B 513 -34.63 -30.83 23.25
N SER B 514 -33.78 -30.25 24.09
CA SER B 514 -32.29 -30.35 24.08
C SER B 514 -31.82 -31.74 23.67
N SER B 515 -32.51 -32.79 24.13
CA SER B 515 -32.28 -34.19 23.71
C SER B 515 -32.19 -34.28 22.18
N ALA B 516 -33.17 -33.69 21.47
CA ALA B 516 -33.28 -33.69 20.00
C ALA B 516 -32.29 -32.72 19.36
N ILE B 517 -32.00 -31.58 19.99
CA ILE B 517 -31.08 -30.52 19.46
C ILE B 517 -29.65 -31.06 19.49
N LYS B 518 -29.23 -31.69 20.58
CA LYS B 518 -27.88 -32.30 20.72
C LYS B 518 -27.69 -33.30 19.59
N LEU B 519 -28.67 -34.18 19.39
CA LEU B 519 -28.70 -35.23 18.34
C LEU B 519 -28.50 -34.59 16.95
N GLN B 520 -29.40 -33.69 16.53
CA GLN B 520 -29.47 -33.12 15.15
C GLN B 520 -28.19 -32.35 14.82
N LEU B 521 -27.52 -31.78 15.84
CA LEU B 521 -26.29 -30.95 15.74
C LEU B 521 -25.01 -31.81 15.76
N THR B 522 -25.11 -33.14 15.71
CA THR B 522 -23.93 -34.03 15.92
C THR B 522 -23.99 -35.28 15.04
N ALA B 523 -24.67 -35.24 13.89
CA ALA B 523 -24.82 -36.42 12.99
C ALA B 523 -23.92 -36.25 11.76
#